data_2D29
#
_entry.id   2D29
#
_cell.length_a   122.750
_cell.length_b   122.750
_cell.length_c   106.220
_cell.angle_alpha   90.00
_cell.angle_beta   90.00
_cell.angle_gamma   90.00
#
_symmetry.space_group_name_H-M   'I 41'
#
loop_
_entity.id
_entity.type
_entity.pdbx_description
1 polymer 'acyl-CoA dehydrogenase'
2 non-polymer 'FLAVIN-ADENINE DINUCLEOTIDE'
3 water water
#
_entity_poly.entity_id   1
_entity_poly.type   'polypeptide(L)'
_entity_poly.pdbx_seq_one_letter_code
;MGLWFEEGAEERQVLGPFREFLKAEVAPGAAERDRTGAFPWDLVRKLAEFGVFGALVPEAYGGAGLSTRLFARMVEAIAY
YDGALALTVASHNSLATGHILLAGSEAQKEAFLPKLASGEALGAWGLTEPGSGSDAAALKTKAEKVEGGWRLNGTKQFIT
QGSVAGVYVVMARTDPPPSPERKHQGISAFAFFRPERGLKVGRKEEKLGLTASDTAQLILEDLFVPEEALLGERGKGFYD
VLRVLDGGRIGIAAMAVGLGQAALDYALAYAKGREAFGRPIAEFEGVSFKLAEAATELEAARLLYLKAAELKDAGRPFTL
EAAQAKLFASEAAVKACDEAIQILGGYGYVKDYPVERYWRDARLTRIGEGTSEILKLVIARRLLEAV
;
_entity_poly.pdbx_strand_id   A,B
#
loop_
_chem_comp.id
_chem_comp.type
_chem_comp.name
_chem_comp.formula
FAD non-polymer 'FLAVIN-ADENINE DINUCLEOTIDE' 'C27 H33 N9 O15 P2'
#
# COMPACT_ATOMS: atom_id res chain seq x y z
N GLY A 2 -0.12 -12.40 -15.92
CA GLY A 2 -1.38 -11.85 -15.34
C GLY A 2 -1.26 -10.36 -15.03
N LEU A 3 -2.17 -9.86 -14.21
CA LEU A 3 -2.15 -8.46 -13.83
C LEU A 3 -0.85 -8.17 -13.09
N TRP A 4 -0.32 -6.97 -13.26
CA TRP A 4 0.94 -6.57 -12.65
C TRP A 4 1.11 -6.92 -11.17
N PHE A 5 0.09 -6.66 -10.37
CA PHE A 5 0.15 -6.89 -8.93
C PHE A 5 0.11 -8.34 -8.45
N GLU A 6 -0.19 -9.28 -9.34
CA GLU A 6 -0.23 -10.68 -8.91
C GLU A 6 0.88 -11.48 -9.60
N GLU A 7 1.07 -12.72 -9.15
CA GLU A 7 2.10 -13.57 -9.72
C GLU A 7 1.71 -14.01 -11.12
N GLY A 8 2.56 -13.73 -12.10
CA GLY A 8 2.28 -14.13 -13.46
C GLY A 8 2.56 -15.61 -13.63
N ALA A 9 2.21 -16.16 -14.80
CA ALA A 9 2.44 -17.57 -15.07
C ALA A 9 3.89 -17.97 -14.92
N GLU A 10 4.80 -17.17 -15.46
CA GLU A 10 6.22 -17.47 -15.36
C GLU A 10 6.70 -17.41 -13.91
N GLU A 11 6.17 -16.47 -13.13
CA GLU A 11 6.57 -16.36 -11.73
C GLU A 11 6.09 -17.58 -10.96
N ARG A 12 4.85 -18.02 -11.22
CA ARG A 12 4.30 -19.18 -10.54
C ARG A 12 5.07 -20.44 -10.89
N GLN A 13 5.52 -20.53 -12.13
CA GLN A 13 6.28 -21.71 -12.56
C GLN A 13 7.53 -21.89 -11.70
N VAL A 14 8.09 -20.79 -11.23
CA VAL A 14 9.28 -20.82 -10.40
C VAL A 14 8.92 -20.89 -8.91
N LEU A 15 8.05 -19.99 -8.47
CA LEU A 15 7.66 -19.92 -7.06
C LEU A 15 6.85 -21.09 -6.51
N GLY A 16 5.98 -21.66 -7.34
CA GLY A 16 5.16 -22.77 -6.89
C GLY A 16 6.01 -23.93 -6.40
N PRO A 17 6.89 -24.47 -7.25
CA PRO A 17 7.75 -25.58 -6.86
C PRO A 17 8.70 -25.17 -5.74
N PHE A 18 9.14 -23.91 -5.77
CA PHE A 18 10.06 -23.41 -4.75
C PHE A 18 9.40 -23.46 -3.36
N ARG A 19 8.15 -23.02 -3.28
CA ARG A 19 7.43 -23.02 -2.01
C ARG A 19 7.28 -24.43 -1.44
N GLU A 20 7.05 -25.42 -2.31
CA GLU A 20 6.94 -26.80 -1.84
C GLU A 20 8.27 -27.29 -1.28
N PHE A 21 9.37 -26.88 -1.91
CA PHE A 21 10.69 -27.26 -1.44
C PHE A 21 10.89 -26.65 -0.04
N LEU A 22 10.49 -25.38 0.11
CA LEU A 22 10.64 -24.72 1.40
C LEU A 22 9.81 -25.40 2.48
N LYS A 23 8.58 -25.78 2.15
CA LYS A 23 7.70 -26.44 3.11
C LYS A 23 8.30 -27.77 3.56
N ALA A 24 8.86 -28.52 2.61
CA ALA A 24 9.41 -29.83 2.91
C ALA A 24 10.80 -29.87 3.52
N GLU A 25 11.68 -28.98 3.09
CA GLU A 25 13.06 -29.00 3.57
C GLU A 25 13.48 -27.89 4.53
N VAL A 26 12.82 -26.75 4.48
CA VAL A 26 13.18 -25.63 5.34
C VAL A 26 12.30 -25.51 6.58
N ALA A 27 10.99 -25.59 6.39
CA ALA A 27 10.07 -25.45 7.51
C ALA A 27 10.28 -26.39 8.69
N PRO A 28 10.51 -27.69 8.44
CA PRO A 28 10.72 -28.65 9.53
C PRO A 28 11.77 -28.30 10.59
N GLY A 29 12.89 -27.72 10.19
CA GLY A 29 13.93 -27.40 11.15
C GLY A 29 14.05 -25.95 11.57
N ALA A 30 13.12 -25.10 11.14
CA ALA A 30 13.17 -23.69 11.48
C ALA A 30 13.18 -23.44 12.99
N ALA A 31 12.32 -24.15 13.72
CA ALA A 31 12.25 -23.97 15.17
C ALA A 31 13.55 -24.39 15.85
N GLU A 32 14.11 -25.51 15.43
CA GLU A 32 15.36 -25.98 16.02
C GLU A 32 16.49 -25.00 15.76
N ARG A 33 16.59 -24.51 14.53
CA ARG A 33 17.64 -23.56 14.20
C ARG A 33 17.52 -22.29 15.04
N ASP A 34 16.29 -21.89 15.36
CA ASP A 34 16.08 -20.71 16.19
C ASP A 34 16.57 -20.96 17.61
N ARG A 35 16.55 -22.21 18.06
CA ARG A 35 17.02 -22.54 19.40
C ARG A 35 18.54 -22.73 19.47
N THR A 36 19.10 -23.42 18.47
CA THR A 36 20.53 -23.71 18.45
C THR A 36 21.42 -22.70 17.75
N GLY A 37 20.88 -22.02 16.74
CA GLY A 37 21.68 -21.05 16.00
C GLY A 37 22.63 -21.70 15.02
N ALA A 38 22.48 -23.01 14.81
CA ALA A 38 23.37 -23.73 13.89
C ALA A 38 23.19 -23.26 12.45
N PHE A 39 24.25 -22.73 11.86
CA PHE A 39 24.19 -22.26 10.48
C PHE A 39 23.80 -23.43 9.59
N PRO A 40 22.74 -23.27 8.78
CA PRO A 40 22.20 -24.28 7.86
C PRO A 40 23.02 -24.57 6.60
N TRP A 41 24.23 -25.08 6.77
CA TRP A 41 25.07 -25.38 5.62
C TRP A 41 24.38 -26.31 4.64
N ASP A 42 23.65 -27.29 5.15
CA ASP A 42 22.95 -28.23 4.29
C ASP A 42 21.95 -27.53 3.37
N LEU A 43 21.17 -26.60 3.94
CA LEU A 43 20.18 -25.89 3.15
C LEU A 43 20.83 -24.88 2.20
N VAL A 44 21.95 -24.30 2.62
CA VAL A 44 22.65 -23.34 1.78
C VAL A 44 23.11 -24.10 0.53
N ARG A 45 23.67 -25.29 0.75
CA ARG A 45 24.15 -26.13 -0.34
C ARG A 45 23.01 -26.45 -1.31
N LYS A 46 21.89 -26.89 -0.77
CA LYS A 46 20.73 -27.24 -1.58
C LYS A 46 20.13 -26.05 -2.33
N LEU A 47 20.10 -24.89 -1.68
CA LEU A 47 19.56 -23.70 -2.33
C LEU A 47 20.54 -23.22 -3.40
N ALA A 48 21.83 -23.27 -3.09
CA ALA A 48 22.87 -22.84 -4.01
C ALA A 48 22.81 -23.63 -5.32
N GLU A 49 22.52 -24.93 -5.20
CA GLU A 49 22.42 -25.77 -6.39
C GLU A 49 21.30 -25.27 -7.28
N PHE A 50 20.35 -24.54 -6.67
CA PHE A 50 19.21 -23.99 -7.39
C PHE A 50 19.54 -22.64 -8.02
N GLY A 51 20.64 -22.02 -7.60
CA GLY A 51 21.01 -20.74 -8.14
C GLY A 51 20.51 -19.60 -7.29
N VAL A 52 19.92 -19.94 -6.14
CA VAL A 52 19.38 -18.96 -5.21
C VAL A 52 20.43 -17.97 -4.73
N PHE A 53 21.68 -18.39 -4.68
CA PHE A 53 22.75 -17.51 -4.24
C PHE A 53 23.39 -16.70 -5.36
N GLY A 54 22.80 -16.80 -6.55
CA GLY A 54 23.28 -16.05 -7.71
C GLY A 54 22.07 -15.52 -8.45
N ALA A 55 21.00 -15.30 -7.69
CA ALA A 55 19.74 -14.83 -8.23
C ALA A 55 19.80 -13.62 -9.15
N LEU A 56 20.50 -12.58 -8.74
CA LEU A 56 20.59 -11.36 -9.55
C LEU A 56 21.80 -11.33 -10.49
N VAL A 57 22.74 -12.24 -10.26
CA VAL A 57 23.94 -12.30 -11.09
C VAL A 57 23.60 -12.77 -12.50
N PRO A 58 24.07 -12.03 -13.52
CA PRO A 58 23.81 -12.38 -14.91
C PRO A 58 24.27 -13.80 -15.23
N GLU A 59 23.58 -14.47 -16.15
CA GLU A 59 23.91 -15.84 -16.53
C GLU A 59 25.35 -15.93 -17.07
N ALA A 60 25.84 -14.83 -17.62
CA ALA A 60 27.20 -14.80 -18.18
C ALA A 60 28.25 -15.05 -17.10
N TYR A 61 27.89 -14.77 -15.85
CA TYR A 61 28.80 -14.95 -14.73
C TYR A 61 28.42 -16.18 -13.91
N GLY A 62 27.54 -17.01 -14.45
CA GLY A 62 27.12 -18.22 -13.77
C GLY A 62 25.92 -18.01 -12.86
N GLY A 63 25.25 -16.88 -13.01
CA GLY A 63 24.08 -16.59 -12.19
C GLY A 63 22.77 -17.03 -12.81
N ALA A 64 21.68 -16.81 -12.08
CA ALA A 64 20.35 -17.18 -12.54
C ALA A 64 19.73 -16.09 -13.42
N GLY A 65 20.31 -14.89 -13.35
CA GLY A 65 19.82 -13.78 -14.14
C GLY A 65 18.36 -13.44 -13.95
N LEU A 66 17.89 -13.46 -12.71
CA LEU A 66 16.49 -13.17 -12.43
C LEU A 66 16.27 -11.67 -12.22
N SER A 67 15.01 -11.27 -12.30
CA SER A 67 14.64 -9.88 -12.11
C SER A 67 14.58 -9.58 -10.62
N THR A 68 14.63 -8.30 -10.26
CA THR A 68 14.57 -7.88 -8.88
C THR A 68 13.22 -8.31 -8.31
N ARG A 69 12.18 -8.14 -9.12
CA ARG A 69 10.82 -8.51 -8.73
C ARG A 69 10.71 -9.99 -8.34
N LEU A 70 11.21 -10.88 -9.20
CA LEU A 70 11.13 -12.30 -8.89
C LEU A 70 11.99 -12.64 -7.67
N PHE A 71 13.19 -12.06 -7.60
CA PHE A 71 14.04 -12.36 -6.45
C PHE A 71 13.39 -11.89 -5.16
N ALA A 72 12.73 -10.73 -5.21
CA ALA A 72 12.05 -10.22 -4.01
C ALA A 72 10.96 -11.20 -3.59
N ARG A 73 10.18 -11.71 -4.55
CA ARG A 73 9.14 -12.66 -4.21
C ARG A 73 9.75 -13.94 -3.63
N MET A 74 10.95 -14.30 -4.11
CA MET A 74 11.62 -15.48 -3.58
C MET A 74 12.04 -15.26 -2.14
N VAL A 75 12.49 -14.05 -1.83
CA VAL A 75 12.90 -13.75 -0.45
C VAL A 75 11.68 -13.78 0.45
N GLU A 76 10.54 -13.27 -0.04
CA GLU A 76 9.32 -13.29 0.78
C GLU A 76 8.97 -14.74 1.09
N ALA A 77 9.07 -15.60 0.07
CA ALA A 77 8.76 -17.02 0.22
C ALA A 77 9.67 -17.70 1.26
N ILE A 78 10.96 -17.42 1.21
CA ILE A 78 11.88 -18.03 2.16
C ILE A 78 11.57 -17.53 3.57
N ALA A 79 11.37 -16.22 3.71
CA ALA A 79 11.09 -15.60 5.00
C ALA A 79 9.84 -16.15 5.68
N TYR A 80 8.87 -16.58 4.87
CA TYR A 80 7.62 -17.14 5.36
C TYR A 80 7.90 -18.38 6.22
N TYR A 81 8.96 -19.12 5.86
CA TYR A 81 9.31 -20.35 6.57
C TYR A 81 10.53 -20.24 7.49
N ASP A 82 11.49 -19.40 7.14
CA ASP A 82 12.67 -19.24 7.97
C ASP A 82 13.27 -17.86 7.75
N GLY A 83 13.10 -16.99 8.73
CA GLY A 83 13.62 -15.64 8.64
C GLY A 83 15.14 -15.56 8.52
N ALA A 84 15.84 -16.38 9.30
CA ALA A 84 17.30 -16.37 9.29
C ALA A 84 17.85 -16.73 7.92
N LEU A 85 17.25 -17.74 7.29
CA LEU A 85 17.69 -18.16 5.97
C LEU A 85 17.38 -17.07 4.95
N ALA A 86 16.24 -16.40 5.12
CA ALA A 86 15.88 -15.33 4.21
C ALA A 86 16.91 -14.20 4.29
N LEU A 87 17.33 -13.87 5.50
CA LEU A 87 18.32 -12.81 5.66
C LEU A 87 19.65 -13.24 5.03
N THR A 88 20.01 -14.50 5.22
CA THR A 88 21.25 -15.04 4.65
C THR A 88 21.23 -14.87 3.13
N VAL A 89 20.13 -15.29 2.52
CA VAL A 89 19.97 -15.21 1.07
C VAL A 89 19.88 -13.76 0.58
N ALA A 90 19.09 -12.94 1.26
CA ALA A 90 18.94 -11.55 0.84
C ALA A 90 20.24 -10.76 0.92
N SER A 91 20.93 -10.86 2.05
CA SER A 91 22.19 -10.12 2.23
C SER A 91 23.26 -10.57 1.24
N HIS A 92 23.43 -11.88 1.07
CA HIS A 92 24.43 -12.40 0.15
C HIS A 92 24.24 -11.82 -1.25
N ASN A 93 23.01 -11.89 -1.75
CA ASN A 93 22.68 -11.40 -3.09
C ASN A 93 22.73 -9.87 -3.21
N SER A 94 22.04 -9.18 -2.31
CA SER A 94 21.96 -7.72 -2.37
C SER A 94 23.19 -6.92 -2.01
N LEU A 95 23.93 -7.33 -0.99
CA LEU A 95 25.06 -6.55 -0.53
C LEU A 95 26.42 -6.88 -1.13
N ALA A 96 27.09 -7.91 -0.63
CA ALA A 96 28.41 -8.27 -1.18
C ALA A 96 28.37 -8.51 -2.69
N THR A 97 27.48 -9.40 -3.11
CA THR A 97 27.37 -9.72 -4.54
C THR A 97 26.86 -8.52 -5.33
N GLY A 98 25.84 -7.85 -4.79
CA GLY A 98 25.29 -6.69 -5.48
C GLY A 98 26.29 -5.57 -5.70
N HIS A 99 27.14 -5.33 -4.70
CA HIS A 99 28.13 -4.27 -4.79
C HIS A 99 29.17 -4.59 -5.87
N ILE A 100 29.60 -5.84 -5.94
CA ILE A 100 30.59 -6.25 -6.96
C ILE A 100 29.98 -6.16 -8.36
N LEU A 101 28.72 -6.57 -8.49
CA LEU A 101 28.02 -6.52 -9.77
C LEU A 101 27.83 -5.07 -10.21
N LEU A 102 27.55 -4.20 -9.26
CA LEU A 102 27.33 -2.79 -9.54
C LEU A 102 28.58 -1.99 -9.91
N ALA A 103 29.62 -2.13 -9.12
CA ALA A 103 30.85 -1.35 -9.33
C ALA A 103 32.07 -2.10 -9.82
N GLY A 104 31.98 -3.42 -9.93
CA GLY A 104 33.13 -4.18 -10.36
C GLY A 104 33.55 -4.03 -11.82
N SER A 105 34.86 -4.14 -12.05
CA SER A 105 35.39 -4.08 -13.39
C SER A 105 35.09 -5.45 -13.99
N GLU A 106 35.26 -5.60 -15.30
CA GLU A 106 35.00 -6.89 -15.93
C GLU A 106 35.86 -7.97 -15.29
N ALA A 107 37.11 -7.63 -14.95
CA ALA A 107 38.01 -8.58 -14.32
C ALA A 107 37.51 -9.01 -12.96
N GLN A 108 37.10 -8.04 -12.14
CA GLN A 108 36.61 -8.34 -10.79
C GLN A 108 35.34 -9.18 -10.83
N LYS A 109 34.43 -8.86 -11.75
CA LYS A 109 33.19 -9.62 -11.86
C LYS A 109 33.41 -11.05 -12.32
N GLU A 110 34.39 -11.28 -13.18
CA GLU A 110 34.68 -12.63 -13.64
C GLU A 110 35.37 -13.44 -12.55
N ALA A 111 36.08 -12.74 -11.66
CA ALA A 111 36.79 -13.39 -10.57
C ALA A 111 35.92 -13.71 -9.36
N PHE A 112 35.05 -12.78 -8.98
CA PHE A 112 34.19 -12.97 -7.80
C PHE A 112 32.79 -13.53 -8.05
N LEU A 113 32.08 -13.00 -9.03
CA LEU A 113 30.71 -13.43 -9.29
C LEU A 113 30.44 -14.92 -9.47
N PRO A 114 31.29 -15.64 -10.22
CA PRO A 114 31.03 -17.08 -10.40
C PRO A 114 31.00 -17.85 -9.09
N LYS A 115 31.93 -17.54 -8.19
CA LYS A 115 32.01 -18.22 -6.90
C LYS A 115 30.88 -17.82 -5.96
N LEU A 116 30.43 -16.58 -6.07
CA LEU A 116 29.34 -16.09 -5.22
C LEU A 116 28.01 -16.65 -5.71
N ALA A 117 27.84 -16.69 -7.03
CA ALA A 117 26.61 -17.18 -7.63
C ALA A 117 26.37 -18.66 -7.44
N SER A 118 27.43 -19.43 -7.24
CA SER A 118 27.30 -20.88 -7.04
C SER A 118 27.19 -21.24 -5.57
N GLY A 119 27.46 -20.26 -4.70
CA GLY A 119 27.40 -20.53 -3.27
C GLY A 119 28.73 -21.06 -2.76
N GLU A 120 29.65 -21.35 -3.65
CA GLU A 120 30.97 -21.85 -3.24
C GLU A 120 31.58 -20.85 -2.28
N ALA A 121 31.19 -19.59 -2.44
CA ALA A 121 31.68 -18.53 -1.58
C ALA A 121 30.51 -17.65 -1.18
N LEU A 122 30.24 -17.57 0.12
CA LEU A 122 29.17 -16.72 0.62
C LEU A 122 29.79 -15.33 0.75
N GLY A 123 28.97 -14.30 0.56
CA GLY A 123 29.49 -12.95 0.66
C GLY A 123 29.13 -12.17 1.90
N ALA A 124 30.11 -11.44 2.44
CA ALA A 124 29.92 -10.61 3.61
C ALA A 124 30.20 -9.18 3.17
N TRP A 125 29.39 -8.24 3.65
CA TRP A 125 29.50 -6.83 3.30
C TRP A 125 29.72 -6.03 4.57
N GLY A 126 30.93 -5.50 4.75
CA GLY A 126 31.25 -4.78 5.96
C GLY A 126 31.26 -3.27 5.93
N LEU A 127 30.17 -2.66 6.38
CA LEU A 127 30.03 -1.21 6.41
C LEU A 127 30.00 -0.68 7.85
N THR A 128 29.03 -1.16 8.62
CA THR A 128 28.81 -0.77 10.00
C THR A 128 30.01 -1.06 10.92
N GLU A 129 30.23 -0.19 11.90
CA GLU A 129 31.31 -0.34 12.88
C GLU A 129 30.75 -0.09 14.27
N PRO A 130 31.53 -0.39 15.33
CA PRO A 130 31.05 -0.16 16.70
C PRO A 130 30.60 1.27 16.96
N GLY A 131 31.29 2.23 16.37
CA GLY A 131 30.94 3.62 16.60
C GLY A 131 30.06 4.26 15.55
N SER A 132 29.72 3.52 14.49
CA SER A 132 28.89 4.09 13.43
C SER A 132 27.98 3.09 12.73
N GLY A 133 26.71 3.45 12.61
CA GLY A 133 25.74 2.61 11.94
C GLY A 133 24.90 3.48 11.04
N SER A 134 23.93 4.18 11.63
CA SER A 134 23.07 5.07 10.85
C SER A 134 23.96 6.10 10.15
N ASP A 135 24.95 6.61 10.87
CA ASP A 135 25.89 7.59 10.34
C ASP A 135 27.06 6.75 9.81
N ALA A 136 26.77 5.97 8.77
CA ALA A 136 27.75 5.08 8.17
C ALA A 136 29.02 5.74 7.64
N ALA A 137 28.90 7.00 7.21
CA ALA A 137 30.07 7.71 6.67
C ALA A 137 31.07 8.07 7.77
N ALA A 138 30.72 7.78 9.02
CA ALA A 138 31.59 8.08 10.14
C ALA A 138 32.54 6.91 10.44
N LEU A 139 32.53 5.90 9.58
CA LEU A 139 33.37 4.72 9.77
C LEU A 139 34.83 5.11 9.97
N LYS A 140 35.55 4.31 10.76
CA LYS A 140 36.94 4.59 11.06
C LYS A 140 37.95 3.60 10.48
N THR A 141 37.49 2.50 9.90
CA THR A 141 38.41 1.53 9.31
C THR A 141 39.18 2.28 8.23
N LYS A 142 40.50 2.08 8.20
CA LYS A 142 41.34 2.76 7.23
C LYS A 142 42.03 1.82 6.26
N ALA A 143 42.34 2.36 5.08
CA ALA A 143 43.03 1.61 4.04
C ALA A 143 44.22 2.46 3.61
N GLU A 144 45.43 1.97 3.88
CA GLU A 144 46.56 2.78 3.45
C GLU A 144 47.31 2.09 2.32
N LYS A 145 47.75 2.95 1.41
CA LYS A 145 48.41 2.48 0.20
C LYS A 145 49.81 1.97 0.50
N VAL A 146 50.10 0.77 0.02
CA VAL A 146 51.41 0.15 0.21
C VAL A 146 51.82 -0.50 -1.10
N GLU A 147 53.03 -1.05 -1.13
CA GLU A 147 53.51 -1.69 -2.34
C GLU A 147 52.68 -2.91 -2.68
N GLY A 148 52.16 -2.94 -3.91
CA GLY A 148 51.36 -4.07 -4.35
C GLY A 148 49.88 -4.01 -4.01
N GLY A 149 49.50 -3.09 -3.12
CA GLY A 149 48.10 -3.00 -2.75
C GLY A 149 47.77 -2.08 -1.60
N TRP A 150 46.98 -2.59 -0.65
CA TRP A 150 46.57 -1.81 0.51
C TRP A 150 46.67 -2.60 1.82
N ARG A 151 46.72 -1.85 2.92
CA ARG A 151 46.78 -2.42 4.27
C ARG A 151 45.56 -1.87 5.02
N LEU A 152 44.65 -2.77 5.40
CA LEU A 152 43.43 -2.39 6.11
C LEU A 152 43.50 -2.61 7.62
N ASN A 153 42.97 -1.66 8.36
CA ASN A 153 42.92 -1.73 9.82
C ASN A 153 41.63 -1.13 10.36
N GLY A 154 40.88 -1.92 11.13
CA GLY A 154 39.64 -1.43 11.69
C GLY A 154 38.74 -2.56 12.17
N THR A 155 37.54 -2.20 12.61
CA THR A 155 36.59 -3.18 13.10
C THR A 155 35.21 -2.97 12.48
N LYS A 156 34.57 -4.07 12.08
CA LYS A 156 33.23 -4.00 11.52
C LYS A 156 32.29 -4.69 12.51
N GLN A 157 31.08 -4.15 12.64
CA GLN A 157 30.11 -4.67 13.61
C GLN A 157 28.86 -5.26 12.96
N PHE A 158 28.34 -6.35 13.54
CA PHE A 158 27.11 -6.98 13.05
C PHE A 158 27.13 -7.36 11.57
N ILE A 159 28.23 -7.94 11.09
CA ILE A 159 28.30 -8.30 9.67
C ILE A 159 27.71 -9.67 9.34
N THR A 160 26.69 -9.67 8.48
CA THR A 160 26.05 -10.93 8.09
C THR A 160 26.98 -11.76 7.21
N GLN A 161 27.11 -13.04 7.56
CA GLN A 161 28.00 -14.00 6.91
C GLN A 161 29.45 -13.66 7.26
N GLY A 162 29.62 -12.82 8.26
CA GLY A 162 30.96 -12.40 8.66
C GLY A 162 31.94 -13.52 9.00
N SER A 163 31.45 -14.62 9.57
CA SER A 163 32.35 -15.71 9.94
C SER A 163 32.40 -16.84 8.92
N VAL A 164 31.38 -16.93 8.04
CA VAL A 164 31.33 -18.00 7.05
C VAL A 164 31.62 -17.58 5.61
N ALA A 165 31.83 -16.29 5.38
CA ALA A 165 32.08 -15.77 4.04
C ALA A 165 33.37 -16.21 3.36
N GLY A 166 33.29 -16.33 2.04
CA GLY A 166 34.45 -16.70 1.23
C GLY A 166 34.91 -15.48 0.48
N VAL A 167 34.04 -14.48 0.39
CA VAL A 167 34.34 -13.21 -0.28
C VAL A 167 33.86 -12.09 0.62
N TYR A 168 34.71 -11.08 0.80
CA TYR A 168 34.37 -9.93 1.64
C TYR A 168 34.44 -8.63 0.86
N VAL A 169 33.54 -7.71 1.20
CA VAL A 169 33.54 -6.38 0.61
C VAL A 169 33.53 -5.48 1.83
N VAL A 170 34.61 -4.72 2.02
CA VAL A 170 34.72 -3.85 3.17
C VAL A 170 34.95 -2.40 2.79
N MET A 171 34.30 -1.49 3.52
CA MET A 171 34.42 -0.06 3.29
C MET A 171 35.42 0.52 4.27
N ALA A 172 36.36 1.32 3.75
CA ALA A 172 37.39 1.93 4.57
C ALA A 172 37.82 3.28 4.00
N ARG A 173 38.30 4.16 4.87
CA ARG A 173 38.74 5.48 4.42
C ARG A 173 40.14 5.41 3.82
N THR A 174 40.28 5.97 2.62
CA THR A 174 41.55 5.99 1.91
C THR A 174 42.07 7.42 1.82
N ASP A 175 41.17 8.38 1.98
CA ASP A 175 41.55 9.79 1.90
C ASP A 175 40.80 10.62 2.93
N PRO A 176 41.44 11.68 3.45
CA PRO A 176 40.80 12.53 4.45
C PRO A 176 39.59 13.28 3.89
N PRO A 177 38.56 13.47 4.72
CA PRO A 177 37.35 14.17 4.30
C PRO A 177 37.60 15.68 4.23
N PRO A 178 37.01 16.35 3.23
CA PRO A 178 37.20 17.80 3.10
C PRO A 178 36.63 18.55 4.30
N SER A 179 35.66 17.93 4.97
CA SER A 179 35.01 18.52 6.13
C SER A 179 34.11 17.47 6.79
N PRO A 180 33.69 17.71 8.04
CA PRO A 180 32.82 16.75 8.73
C PRO A 180 31.46 16.59 8.05
N GLU A 181 30.96 17.66 7.45
CA GLU A 181 29.69 17.67 6.74
C GLU A 181 29.75 16.79 5.49
N ARG A 182 30.97 16.60 4.98
CA ARG A 182 31.19 15.85 3.77
C ARG A 182 32.14 14.68 4.00
N LYS A 183 32.04 14.05 5.16
CA LYS A 183 32.91 12.93 5.49
C LYS A 183 32.71 11.70 4.62
N HIS A 184 31.65 11.70 3.81
CA HIS A 184 31.40 10.55 2.93
C HIS A 184 32.48 10.49 1.84
N GLN A 185 33.04 11.65 1.51
CA GLN A 185 34.09 11.70 0.49
C GLN A 185 35.38 11.14 1.10
N GLY A 186 36.06 10.29 0.36
CA GLY A 186 37.30 9.71 0.86
C GLY A 186 37.16 8.27 1.28
N ILE A 187 35.94 7.73 1.19
CA ILE A 187 35.68 6.35 1.55
C ILE A 187 35.74 5.47 0.31
N SER A 188 36.40 4.32 0.42
CA SER A 188 36.51 3.39 -0.69
C SER A 188 35.98 2.02 -0.29
N ALA A 189 35.74 1.18 -1.28
CA ALA A 189 35.25 -0.18 -1.06
C ALA A 189 36.33 -1.14 -1.53
N PHE A 190 36.48 -2.26 -0.84
CA PHE A 190 37.49 -3.26 -1.20
C PHE A 190 36.87 -4.65 -1.22
N ALA A 191 37.09 -5.38 -2.32
CA ALA A 191 36.58 -6.73 -2.47
C ALA A 191 37.74 -7.71 -2.48
N PHE A 192 37.62 -8.77 -1.69
CA PHE A 192 38.69 -9.77 -1.61
C PHE A 192 38.21 -11.11 -1.07
N PHE A 193 38.89 -12.17 -1.47
CA PHE A 193 38.56 -13.52 -1.01
C PHE A 193 39.01 -13.65 0.44
N ARG A 194 38.41 -14.58 1.18
CA ARG A 194 38.77 -14.79 2.57
C ARG A 194 40.29 -14.80 2.73
N PRO A 195 40.82 -13.86 3.52
CA PRO A 195 42.26 -13.70 3.78
C PRO A 195 42.90 -14.88 4.50
N GLU A 196 44.15 -15.16 4.16
CA GLU A 196 44.89 -16.25 4.80
C GLU A 196 45.23 -15.75 6.20
N ARG A 197 45.33 -14.43 6.32
CA ARG A 197 45.68 -13.78 7.58
C ARG A 197 45.28 -12.31 7.55
N GLY A 198 45.18 -11.70 8.73
CA GLY A 198 44.82 -10.29 8.81
C GLY A 198 43.37 -10.05 9.19
N LEU A 199 42.58 -11.12 9.19
CA LEU A 199 41.16 -11.01 9.52
C LEU A 199 40.78 -12.04 10.58
N LYS A 200 40.13 -11.59 11.65
CA LYS A 200 39.68 -12.50 12.70
C LYS A 200 38.26 -12.14 13.13
N VAL A 201 37.50 -13.17 13.49
CA VAL A 201 36.12 -12.98 13.93
C VAL A 201 36.09 -12.73 15.43
N GLY A 202 35.38 -11.69 15.84
CA GLY A 202 35.30 -11.34 17.25
C GLY A 202 34.29 -12.16 18.04
N ARG A 203 34.06 -11.76 19.28
CA ARG A 203 33.12 -12.45 20.15
C ARG A 203 31.73 -12.41 19.53
N LYS A 204 31.17 -13.58 19.26
CA LYS A 204 29.84 -13.68 18.66
C LYS A 204 28.78 -13.25 19.66
N GLU A 205 27.84 -12.41 19.21
CA GLU A 205 26.77 -11.94 20.07
C GLU A 205 25.51 -12.74 19.84
N GLU A 206 24.76 -12.99 20.90
CA GLU A 206 23.51 -13.73 20.80
C GLU A 206 22.45 -12.69 20.44
N LYS A 207 21.53 -13.07 19.57
CA LYS A 207 20.49 -12.15 19.12
C LYS A 207 19.08 -12.48 19.58
N LEU A 208 18.23 -11.46 19.54
CA LEU A 208 16.82 -11.59 19.91
C LEU A 208 16.14 -12.59 18.98
N GLY A 209 16.52 -12.57 17.71
CA GLY A 209 15.94 -13.48 16.73
C GLY A 209 16.92 -13.76 15.63
N LEU A 210 16.46 -14.41 14.55
CA LEU A 210 17.30 -14.76 13.41
C LEU A 210 18.55 -15.45 13.94
N THR A 211 18.33 -16.34 14.91
CA THR A 211 19.42 -17.04 15.58
C THR A 211 20.46 -17.68 14.67
N ALA A 212 19.98 -18.43 13.69
CA ALA A 212 20.87 -19.15 12.76
C ALA A 212 21.53 -18.30 11.68
N SER A 213 21.24 -17.01 11.65
CA SER A 213 21.89 -16.15 10.67
C SER A 213 23.27 -15.79 11.25
N ASP A 214 24.30 -15.92 10.43
CA ASP A 214 25.65 -15.62 10.88
C ASP A 214 25.87 -14.10 10.96
N THR A 215 26.11 -13.63 12.17
CA THR A 215 26.33 -12.21 12.43
C THR A 215 27.61 -12.11 13.25
N ALA A 216 28.64 -11.45 12.73
CA ALA A 216 29.86 -11.38 13.50
C ALA A 216 30.61 -10.07 13.39
N GLN A 217 31.48 -9.84 14.37
CA GLN A 217 32.31 -8.66 14.40
C GLN A 217 33.56 -9.06 13.66
N LEU A 218 34.09 -8.16 12.83
CA LEU A 218 35.30 -8.44 12.07
C LEU A 218 36.39 -7.51 12.54
N ILE A 219 37.55 -8.08 12.83
CA ILE A 219 38.68 -7.27 13.28
C ILE A 219 39.76 -7.36 12.21
N LEU A 220 40.06 -6.23 11.58
CA LEU A 220 41.08 -6.18 10.54
C LEU A 220 42.37 -5.64 11.12
N GLU A 221 43.41 -6.46 11.07
CA GLU A 221 44.72 -6.07 11.60
C GLU A 221 45.77 -6.22 10.52
N ASP A 222 46.22 -5.09 9.99
CA ASP A 222 47.22 -5.06 8.93
C ASP A 222 46.87 -6.05 7.82
N LEU A 223 45.60 -6.07 7.45
CA LEU A 223 45.14 -6.95 6.39
C LEU A 223 45.59 -6.44 5.04
N PHE A 224 46.28 -7.28 4.27
CA PHE A 224 46.74 -6.87 2.96
C PHE A 224 45.81 -7.35 1.84
N VAL A 225 45.50 -6.44 0.93
CA VAL A 225 44.66 -6.76 -0.22
C VAL A 225 45.37 -6.18 -1.43
N PRO A 226 45.33 -6.89 -2.57
CA PRO A 226 46.00 -6.43 -3.78
C PRO A 226 45.35 -5.19 -4.40
N GLU A 227 46.05 -4.58 -5.36
CA GLU A 227 45.55 -3.40 -6.04
C GLU A 227 44.18 -3.65 -6.64
N GLU A 228 43.98 -4.86 -7.17
CA GLU A 228 42.73 -5.24 -7.82
C GLU A 228 41.56 -5.33 -6.82
N ALA A 229 41.85 -5.14 -5.53
CA ALA A 229 40.81 -5.20 -4.50
C ALA A 229 39.94 -3.95 -4.48
N LEU A 230 40.50 -2.82 -4.89
CA LEU A 230 39.75 -1.56 -4.91
C LEU A 230 38.52 -1.70 -5.79
N LEU A 231 37.34 -1.51 -5.18
CA LEU A 231 36.07 -1.64 -5.89
C LEU A 231 35.47 -0.26 -6.13
N GLY A 232 35.39 0.13 -7.40
CA GLY A 232 34.85 1.42 -7.74
C GLY A 232 36.00 2.42 -7.69
N GLU A 233 35.72 3.70 -7.87
CA GLU A 233 36.78 4.69 -7.83
C GLU A 233 37.21 5.04 -6.42
N ARG A 234 38.50 5.26 -6.24
CA ARG A 234 39.05 5.61 -4.93
C ARG A 234 38.37 6.84 -4.34
N GLY A 235 37.91 6.70 -3.10
CA GLY A 235 37.27 7.80 -2.40
C GLY A 235 35.83 8.08 -2.74
N LYS A 236 35.29 7.34 -3.71
CA LYS A 236 33.90 7.54 -4.14
C LYS A 236 33.02 6.33 -3.84
N GLY A 237 33.47 5.50 -2.91
CA GLY A 237 32.70 4.31 -2.59
C GLY A 237 31.38 4.51 -1.87
N PHE A 238 31.20 5.64 -1.19
CA PHE A 238 29.95 5.83 -0.46
C PHE A 238 28.71 5.93 -1.34
N TYR A 239 28.82 6.60 -2.49
CA TYR A 239 27.67 6.71 -3.38
C TYR A 239 27.23 5.30 -3.80
N ASP A 240 28.22 4.44 -4.06
CA ASP A 240 27.94 3.06 -4.46
C ASP A 240 27.26 2.33 -3.30
N VAL A 241 27.74 2.59 -2.09
CA VAL A 241 27.16 1.98 -0.89
C VAL A 241 25.67 2.32 -0.80
N LEU A 242 25.34 3.57 -1.07
CA LEU A 242 23.93 3.99 -0.99
C LEU A 242 23.08 3.30 -2.05
N ARG A 243 23.63 3.10 -3.24
CA ARG A 243 22.90 2.43 -4.31
C ARG A 243 22.70 0.95 -3.94
N VAL A 244 23.70 0.36 -3.30
CA VAL A 244 23.60 -1.03 -2.88
C VAL A 244 22.50 -1.17 -1.83
N LEU A 245 22.43 -0.22 -0.90
CA LEU A 245 21.40 -0.27 0.14
C LEU A 245 20.00 -0.08 -0.44
N ASP A 246 19.87 0.71 -1.50
CA ASP A 246 18.56 0.91 -2.12
C ASP A 246 18.04 -0.46 -2.57
N GLY A 247 18.90 -1.22 -3.24
CA GLY A 247 18.51 -2.54 -3.70
C GLY A 247 18.26 -3.48 -2.54
N GLY A 248 19.16 -3.42 -1.55
CA GLY A 248 19.02 -4.28 -0.39
C GLY A 248 17.72 -4.07 0.37
N ARG A 249 17.26 -2.82 0.42
CA ARG A 249 16.03 -2.49 1.14
C ARG A 249 14.79 -3.14 0.54
N ILE A 250 14.81 -3.41 -0.76
CA ILE A 250 13.69 -4.08 -1.41
C ILE A 250 13.63 -5.51 -0.87
N GLY A 251 14.80 -6.13 -0.74
CA GLY A 251 14.87 -7.49 -0.22
C GLY A 251 14.40 -7.56 1.22
N ILE A 252 14.79 -6.57 2.02
CA ILE A 252 14.38 -6.59 3.43
C ILE A 252 12.88 -6.35 3.53
N ALA A 253 12.33 -5.52 2.64
CA ALA A 253 10.89 -5.28 2.64
C ALA A 253 10.18 -6.60 2.38
N ALA A 254 10.68 -7.35 1.40
CA ALA A 254 10.09 -8.64 1.06
C ALA A 254 10.21 -9.62 2.21
N MET A 255 11.35 -9.60 2.88
CA MET A 255 11.57 -10.45 4.04
C MET A 255 10.51 -10.17 5.09
N ALA A 256 10.30 -8.88 5.37
CA ALA A 256 9.31 -8.48 6.37
C ALA A 256 7.92 -8.97 5.99
N VAL A 257 7.54 -8.78 4.73
CA VAL A 257 6.23 -9.22 4.29
C VAL A 257 6.05 -10.73 4.50
N GLY A 258 7.08 -11.51 4.16
CA GLY A 258 6.99 -12.95 4.33
C GLY A 258 6.73 -13.37 5.77
N LEU A 259 7.47 -12.76 6.70
CA LEU A 259 7.30 -13.06 8.13
C LEU A 259 5.92 -12.60 8.61
N GLY A 260 5.50 -11.41 8.20
CA GLY A 260 4.20 -10.92 8.61
C GLY A 260 3.08 -11.79 8.06
N GLN A 261 3.22 -12.25 6.83
CA GLN A 261 2.20 -13.09 6.20
C GLN A 261 2.10 -14.43 6.92
N ALA A 262 3.24 -14.99 7.32
CA ALA A 262 3.24 -16.26 8.03
C ALA A 262 2.48 -16.09 9.36
N ALA A 263 2.72 -14.98 10.04
CA ALA A 263 2.05 -14.71 11.31
C ALA A 263 0.54 -14.56 11.09
N LEU A 264 0.16 -13.80 10.07
CA LEU A 264 -1.25 -13.59 9.76
C LEU A 264 -1.95 -14.90 9.42
N ASP A 265 -1.30 -15.69 8.57
CA ASP A 265 -1.87 -16.97 8.16
C ASP A 265 -2.06 -17.88 9.36
N TYR A 266 -1.10 -17.88 10.27
CA TYR A 266 -1.21 -18.74 11.45
C TYR A 266 -2.34 -18.25 12.34
N ALA A 267 -2.42 -16.94 12.53
CA ALA A 267 -3.48 -16.37 13.36
C ALA A 267 -4.86 -16.61 12.77
N LEU A 268 -4.98 -16.53 11.45
CA LEU A 268 -6.26 -16.76 10.77
C LEU A 268 -6.73 -18.19 11.03
N ALA A 269 -5.84 -19.14 10.78
CA ALA A 269 -6.16 -20.55 10.99
C ALA A 269 -6.51 -20.82 12.45
N TYR A 270 -5.73 -20.24 13.35
CA TYR A 270 -5.96 -20.44 14.78
C TYR A 270 -7.29 -19.86 15.24
N ALA A 271 -7.59 -18.65 14.78
CA ALA A 271 -8.82 -17.97 15.16
C ALA A 271 -10.07 -18.69 14.67
N LYS A 272 -9.93 -19.44 13.59
CA LYS A 272 -11.06 -20.16 13.04
C LYS A 272 -11.33 -21.45 13.82
N GLY A 273 -10.27 -22.01 14.42
CA GLY A 273 -10.42 -23.25 15.17
C GLY A 273 -10.54 -23.12 16.69
N ARG A 274 -10.09 -22.01 17.25
CA ARG A 274 -10.16 -21.82 18.69
C ARG A 274 -11.49 -21.18 19.07
N GLU A 275 -12.22 -21.84 19.97
CA GLU A 275 -13.50 -21.30 20.39
C GLU A 275 -13.49 -20.78 21.82
N ALA A 276 -14.29 -19.75 22.06
CA ALA A 276 -14.42 -19.14 23.38
C ALA A 276 -15.82 -18.54 23.43
N PHE A 277 -16.47 -18.67 24.58
CA PHE A 277 -17.82 -18.14 24.76
C PHE A 277 -18.79 -18.72 23.73
N GLY A 278 -18.55 -19.96 23.33
CA GLY A 278 -19.43 -20.64 22.40
C GLY A 278 -19.28 -20.40 20.91
N ARG A 279 -18.16 -19.82 20.48
CA ARG A 279 -17.95 -19.58 19.06
C ARG A 279 -16.48 -19.35 18.73
N PRO A 280 -16.10 -19.54 17.45
CA PRO A 280 -14.70 -19.33 17.07
C PRO A 280 -14.34 -17.90 17.45
N ILE A 281 -13.14 -17.68 17.98
CA ILE A 281 -12.76 -16.33 18.38
C ILE A 281 -12.70 -15.38 17.19
N ALA A 282 -12.63 -15.94 15.98
CA ALA A 282 -12.61 -15.13 14.77
C ALA A 282 -13.91 -14.35 14.63
N GLU A 283 -14.94 -14.79 15.34
CA GLU A 283 -16.24 -14.13 15.30
C GLU A 283 -16.33 -12.86 16.13
N PHE A 284 -15.32 -12.62 16.97
CA PHE A 284 -15.30 -11.42 17.80
C PHE A 284 -14.50 -10.37 17.04
N GLU A 285 -15.02 -9.15 16.98
CA GLU A 285 -14.34 -8.10 16.24
C GLU A 285 -12.99 -7.75 16.82
N GLY A 286 -12.78 -8.01 18.10
CA GLY A 286 -11.50 -7.72 18.73
C GLY A 286 -10.41 -8.55 18.08
N VAL A 287 -10.80 -9.66 17.46
CA VAL A 287 -9.87 -10.55 16.76
C VAL A 287 -9.96 -10.33 15.25
N SER A 288 -11.17 -10.34 14.69
CA SER A 288 -11.31 -10.16 13.26
C SER A 288 -10.79 -8.83 12.73
N PHE A 289 -10.96 -7.75 13.50
CA PHE A 289 -10.47 -6.45 13.03
C PHE A 289 -8.95 -6.46 12.93
N LYS A 290 -8.29 -7.17 13.84
CA LYS A 290 -6.84 -7.26 13.79
C LYS A 290 -6.42 -7.99 12.52
N LEU A 291 -7.13 -9.08 12.22
CA LEU A 291 -6.84 -9.87 11.03
C LEU A 291 -7.03 -9.05 9.76
N ALA A 292 -8.12 -8.28 9.70
CA ALA A 292 -8.41 -7.46 8.53
C ALA A 292 -7.36 -6.37 8.34
N GLU A 293 -7.00 -5.69 9.43
CA GLU A 293 -6.00 -4.64 9.33
C GLU A 293 -4.65 -5.17 8.87
N ALA A 294 -4.22 -6.29 9.45
CA ALA A 294 -2.93 -6.87 9.09
C ALA A 294 -2.91 -7.31 7.63
N ALA A 295 -3.98 -7.96 7.19
CA ALA A 295 -4.05 -8.44 5.81
C ALA A 295 -3.95 -7.27 4.84
N THR A 296 -4.67 -6.21 5.15
CA THR A 296 -4.69 -5.02 4.31
C THR A 296 -3.32 -4.35 4.25
N GLU A 297 -2.70 -4.16 5.41
CA GLU A 297 -1.38 -3.53 5.45
C GLU A 297 -0.31 -4.37 4.76
N LEU A 298 -0.38 -5.69 4.93
CA LEU A 298 0.61 -6.55 4.29
C LEU A 298 0.47 -6.51 2.77
N GLU A 299 -0.77 -6.45 2.27
CA GLU A 299 -0.95 -6.39 0.81
C GLU A 299 -0.40 -5.06 0.31
N ALA A 300 -0.63 -4.00 1.07
CA ALA A 300 -0.13 -2.68 0.69
C ALA A 300 1.40 -2.72 0.66
N ALA A 301 2.00 -3.37 1.66
CA ALA A 301 3.44 -3.47 1.73
C ALA A 301 3.99 -4.25 0.54
N ARG A 302 3.29 -5.30 0.15
CA ARG A 302 3.74 -6.11 -0.97
C ARG A 302 3.70 -5.28 -2.26
N LEU A 303 2.63 -4.53 -2.46
CA LEU A 303 2.52 -3.69 -3.64
C LEU A 303 3.66 -2.68 -3.66
N LEU A 304 4.01 -2.14 -2.49
CA LEU A 304 5.10 -1.17 -2.43
C LEU A 304 6.45 -1.78 -2.80
N TYR A 305 6.74 -3.00 -2.34
CA TYR A 305 8.04 -3.54 -2.70
C TYR A 305 8.06 -3.99 -4.16
N LEU A 306 6.92 -4.42 -4.69
CA LEU A 306 6.86 -4.81 -6.10
C LEU A 306 7.09 -3.58 -6.95
N LYS A 307 6.55 -2.45 -6.52
CA LYS A 307 6.73 -1.19 -7.25
C LYS A 307 8.21 -0.80 -7.27
N ALA A 308 8.87 -0.88 -6.12
CA ALA A 308 10.29 -0.52 -6.04
C ALA A 308 11.11 -1.45 -6.93
N ALA A 309 10.79 -2.72 -6.91
CA ALA A 309 11.50 -3.71 -7.71
C ALA A 309 11.33 -3.40 -9.20
N GLU A 310 10.11 -3.02 -9.58
CA GLU A 310 9.80 -2.70 -10.97
C GLU A 310 10.66 -1.53 -11.46
N LEU A 311 10.77 -0.50 -10.62
CA LEU A 311 11.57 0.65 -10.99
C LEU A 311 13.03 0.27 -11.17
N LYS A 312 13.54 -0.56 -10.26
CA LYS A 312 14.92 -1.01 -10.35
C LYS A 312 15.13 -1.81 -11.64
N ASP A 313 14.20 -2.73 -11.92
CA ASP A 313 14.30 -3.55 -13.13
C ASP A 313 14.23 -2.70 -14.40
N ALA A 314 13.59 -1.55 -14.32
CA ALA A 314 13.45 -0.64 -15.46
C ALA A 314 14.64 0.32 -15.57
N GLY A 315 15.60 0.17 -14.66
CA GLY A 315 16.78 1.02 -14.66
C GLY A 315 16.49 2.46 -14.29
N ARG A 316 15.42 2.68 -13.53
CA ARG A 316 15.03 4.01 -13.12
C ARG A 316 15.33 4.23 -11.64
N PRO A 317 15.44 5.50 -11.20
CA PRO A 317 15.72 5.76 -9.78
C PRO A 317 14.64 5.17 -8.89
N PHE A 318 15.05 4.64 -7.74
CA PHE A 318 14.09 4.03 -6.83
C PHE A 318 14.43 4.17 -5.36
N THR A 319 15.28 5.15 -5.03
CA THR A 319 15.69 5.39 -3.65
C THR A 319 14.48 5.66 -2.75
N LEU A 320 13.63 6.58 -3.19
CA LEU A 320 12.43 6.94 -2.43
C LEU A 320 11.52 5.74 -2.28
N GLU A 321 11.28 5.05 -3.39
CA GLU A 321 10.39 3.90 -3.40
C GLU A 321 10.89 2.71 -2.58
N ALA A 322 12.19 2.46 -2.59
CA ALA A 322 12.73 1.35 -1.81
C ALA A 322 12.61 1.68 -0.33
N ALA A 323 12.85 2.95 0.02
CA ALA A 323 12.75 3.36 1.42
C ALA A 323 11.31 3.22 1.91
N GLN A 324 10.36 3.68 1.10
CA GLN A 324 8.94 3.58 1.47
C GLN A 324 8.52 2.13 1.64
N ALA A 325 8.98 1.27 0.73
CA ALA A 325 8.61 -0.14 0.82
C ALA A 325 9.17 -0.79 2.09
N LYS A 326 10.44 -0.56 2.38
CA LYS A 326 11.04 -1.16 3.56
C LYS A 326 10.42 -0.59 4.84
N LEU A 327 10.23 0.72 4.87
CA LEU A 327 9.62 1.36 6.04
C LEU A 327 8.24 0.78 6.31
N PHE A 328 7.37 0.80 5.31
CA PHE A 328 6.03 0.30 5.53
C PHE A 328 5.95 -1.19 5.80
N ALA A 329 6.69 -1.99 5.03
CA ALA A 329 6.66 -3.43 5.22
C ALA A 329 7.19 -3.84 6.59
N SER A 330 8.31 -3.27 7.02
CA SER A 330 8.87 -3.65 8.32
C SER A 330 7.95 -3.25 9.47
N GLU A 331 7.39 -2.05 9.41
CA GLU A 331 6.52 -1.60 10.48
C GLU A 331 5.22 -2.40 10.51
N ALA A 332 4.64 -2.64 9.34
CA ALA A 332 3.40 -3.40 9.25
C ALA A 332 3.59 -4.86 9.64
N ALA A 333 4.70 -5.45 9.22
CA ALA A 333 4.98 -6.85 9.51
C ALA A 333 5.17 -7.07 11.00
N VAL A 334 5.95 -6.21 11.64
CA VAL A 334 6.17 -6.38 13.06
C VAL A 334 4.87 -6.21 13.84
N LYS A 335 4.03 -5.29 13.41
CA LYS A 335 2.73 -5.10 14.07
C LYS A 335 1.88 -6.35 13.89
N ALA A 336 1.86 -6.89 12.67
CA ALA A 336 1.06 -8.09 12.40
C ALA A 336 1.53 -9.26 13.26
N CYS A 337 2.85 -9.39 13.41
CA CYS A 337 3.40 -10.47 14.22
C CYS A 337 3.00 -10.28 15.68
N ASP A 338 3.02 -9.03 16.14
CA ASP A 338 2.65 -8.77 17.54
C ASP A 338 1.17 -9.07 17.75
N GLU A 339 0.35 -8.78 16.75
CA GLU A 339 -1.08 -9.05 16.87
C GLU A 339 -1.36 -10.55 16.82
N ALA A 340 -0.52 -11.29 16.12
CA ALA A 340 -0.68 -12.75 16.03
C ALA A 340 -0.39 -13.35 17.41
N ILE A 341 0.64 -12.82 18.08
CA ILE A 341 0.95 -13.30 19.42
C ILE A 341 -0.29 -13.07 20.28
N GLN A 342 -0.88 -11.88 20.16
CA GLN A 342 -2.05 -11.52 20.96
C GLN A 342 -3.24 -12.42 20.71
N ILE A 343 -3.47 -12.76 19.44
CA ILE A 343 -4.59 -13.62 19.07
C ILE A 343 -4.46 -15.05 19.62
N LEU A 344 -3.23 -15.54 19.73
CA LEU A 344 -3.04 -16.89 20.27
C LEU A 344 -3.10 -16.88 21.80
N GLY A 345 -3.07 -15.69 22.37
CA GLY A 345 -3.13 -15.55 23.82
C GLY A 345 -1.93 -16.19 24.50
N GLY A 346 -2.20 -16.97 25.55
CA GLY A 346 -1.11 -17.61 26.26
C GLY A 346 -0.23 -18.45 25.35
N TYR A 347 -0.85 -19.09 24.37
CA TYR A 347 -0.11 -19.93 23.42
C TYR A 347 0.83 -19.10 22.55
N GLY A 348 0.53 -17.82 22.38
CA GLY A 348 1.40 -16.97 21.60
C GLY A 348 2.68 -16.68 22.34
N TYR A 349 2.68 -16.90 23.65
CA TYR A 349 3.86 -16.65 24.49
C TYR A 349 4.74 -17.89 24.66
N VAL A 350 4.32 -19.01 24.06
CA VAL A 350 5.11 -20.24 24.19
C VAL A 350 5.80 -20.63 22.90
N LYS A 351 7.02 -21.15 23.03
CA LYS A 351 7.83 -21.52 21.88
C LYS A 351 7.38 -22.74 21.08
N ASP A 352 6.37 -23.45 21.57
CA ASP A 352 5.87 -24.61 20.84
C ASP A 352 5.13 -24.14 19.58
N TYR A 353 4.73 -22.86 19.58
CA TYR A 353 4.03 -22.24 18.46
C TYR A 353 5.04 -21.28 17.81
N PRO A 354 4.95 -21.09 16.49
CA PRO A 354 5.86 -20.21 15.75
C PRO A 354 5.69 -18.70 15.79
N VAL A 355 4.54 -18.22 16.24
CA VAL A 355 4.32 -16.78 16.24
C VAL A 355 5.29 -15.92 17.03
N GLU A 356 5.76 -16.39 18.19
CA GLU A 356 6.72 -15.57 18.93
C GLU A 356 8.04 -15.47 18.15
N ARG A 357 8.38 -16.52 17.41
CA ARG A 357 9.61 -16.46 16.61
C ARG A 357 9.41 -15.51 15.44
N TYR A 358 8.23 -15.52 14.82
CA TYR A 358 8.00 -14.63 13.69
C TYR A 358 8.25 -13.19 14.10
N TRP A 359 7.74 -12.80 15.27
CA TRP A 359 7.96 -11.43 15.74
C TRP A 359 9.44 -11.15 15.98
N ARG A 360 10.11 -12.07 16.69
CA ARG A 360 11.52 -11.88 17.00
C ARG A 360 12.36 -11.73 15.73
N ASP A 361 12.03 -12.51 14.71
CA ASP A 361 12.76 -12.45 13.44
C ASP A 361 12.44 -11.16 12.70
N ALA A 362 11.15 -10.84 12.62
CA ALA A 362 10.72 -9.63 11.91
C ALA A 362 11.20 -8.34 12.55
N ARG A 363 11.39 -8.37 13.86
CA ARG A 363 11.80 -7.16 14.57
C ARG A 363 13.06 -6.48 14.02
N LEU A 364 13.99 -7.27 13.50
CA LEU A 364 15.21 -6.69 12.96
C LEU A 364 14.98 -5.88 11.68
N THR A 365 13.90 -6.18 10.95
CA THR A 365 13.64 -5.47 9.70
C THR A 365 13.39 -3.97 9.87
N ARG A 366 13.07 -3.54 11.08
CA ARG A 366 12.84 -2.12 11.34
C ARG A 366 14.16 -1.43 11.71
N ILE A 367 15.23 -2.21 11.80
CA ILE A 367 16.54 -1.70 12.19
C ILE A 367 17.62 -1.84 11.12
N GLY A 368 17.75 -3.05 10.58
CA GLY A 368 18.76 -3.31 9.56
C GLY A 368 18.57 -2.55 8.26
N GLU A 369 19.70 -2.30 7.59
CA GLU A 369 19.74 -1.59 6.31
C GLU A 369 19.01 -0.25 6.34
N GLY A 370 19.14 0.44 7.47
CA GLY A 370 18.51 1.74 7.63
C GLY A 370 17.32 1.65 8.57
N THR A 371 17.48 2.18 9.78
CA THR A 371 16.38 2.15 10.74
C THR A 371 15.19 2.90 10.18
N SER A 372 14.01 2.61 10.70
CA SER A 372 12.81 3.30 10.23
C SER A 372 12.97 4.81 10.32
N GLU A 373 13.68 5.27 11.35
CA GLU A 373 13.91 6.70 11.53
C GLU A 373 14.74 7.26 10.39
N ILE A 374 15.82 6.57 10.04
CA ILE A 374 16.68 7.00 8.94
C ILE A 374 15.88 7.01 7.63
N LEU A 375 15.08 5.99 7.41
CA LEU A 375 14.28 5.92 6.18
C LEU A 375 13.29 7.08 6.09
N LYS A 376 12.71 7.48 7.21
CA LYS A 376 11.78 8.60 7.16
C LYS A 376 12.52 9.86 6.74
N LEU A 377 13.78 9.99 7.16
CA LEU A 377 14.59 11.15 6.78
C LEU A 377 14.83 11.09 5.27
N VAL A 378 15.21 9.92 4.78
CA VAL A 378 15.47 9.71 3.36
C VAL A 378 14.24 10.07 2.53
N ILE A 379 13.08 9.59 2.97
CA ILE A 379 11.83 9.84 2.27
C ILE A 379 11.46 11.33 2.31
N ALA A 380 11.48 11.92 3.50
CA ALA A 380 11.13 13.34 3.64
C ALA A 380 12.03 14.23 2.80
N ARG A 381 13.33 13.95 2.80
CA ARG A 381 14.26 14.76 2.02
C ARG A 381 13.88 14.76 0.55
N ARG A 382 13.58 13.58 0.00
CA ARG A 382 13.21 13.47 -1.40
C ARG A 382 11.89 14.18 -1.70
N LEU A 383 10.94 14.06 -0.78
CA LEU A 383 9.65 14.71 -0.96
C LEU A 383 9.79 16.23 -0.99
N LEU A 384 10.62 16.75 -0.10
CA LEU A 384 10.83 18.20 -0.02
C LEU A 384 11.59 18.74 -1.21
N GLU A 385 12.50 17.94 -1.76
CA GLU A 385 13.27 18.36 -2.92
C GLU A 385 12.34 18.52 -4.12
N ALA A 386 11.36 17.63 -4.23
CA ALA A 386 10.41 17.66 -5.33
C ALA A 386 9.38 18.75 -5.08
N VAL A 387 9.64 19.55 -4.04
CA VAL A 387 8.78 20.66 -3.63
C VAL A 387 7.52 20.17 -2.94
N GLY B 2 4.02 4.67 -18.38
CA GLY B 2 5.12 3.67 -18.51
C GLY B 2 4.82 2.38 -17.77
N LEU B 3 5.17 2.35 -16.48
CA LEU B 3 4.94 1.17 -15.67
C LEU B 3 3.48 1.13 -15.20
N TRP B 4 2.99 -0.06 -14.85
CA TRP B 4 1.61 -0.23 -14.42
C TRP B 4 1.09 0.83 -13.46
N PHE B 5 1.83 1.09 -12.40
CA PHE B 5 1.42 2.05 -11.38
C PHE B 5 1.47 3.53 -11.79
N GLU B 6 2.11 3.81 -12.92
CA GLU B 6 2.20 5.19 -13.39
C GLU B 6 1.09 5.47 -14.40
N GLU B 7 0.87 6.75 -14.70
CA GLU B 7 -0.15 7.11 -15.67
C GLU B 7 0.39 6.80 -17.06
N GLY B 8 -0.40 6.04 -17.83
CA GLY B 8 0.01 5.68 -19.17
C GLY B 8 -0.12 6.84 -20.13
N ALA B 9 0.34 6.65 -21.36
CA ALA B 9 0.27 7.69 -22.38
C ALA B 9 -1.17 8.19 -22.54
N GLU B 10 -2.10 7.24 -22.64
CA GLU B 10 -3.50 7.59 -22.80
C GLU B 10 -4.04 8.34 -21.59
N GLU B 11 -3.70 7.87 -20.39
CA GLU B 11 -4.17 8.51 -19.17
C GLU B 11 -3.67 9.95 -19.06
N ARG B 12 -2.40 10.16 -19.39
CA ARG B 12 -1.81 11.50 -19.31
C ARG B 12 -2.47 12.46 -20.30
N GLN B 13 -2.81 11.98 -21.48
CA GLN B 13 -3.43 12.83 -22.50
C GLN B 13 -4.82 13.30 -22.05
N VAL B 14 -5.44 12.52 -21.18
CA VAL B 14 -6.76 12.86 -20.67
C VAL B 14 -6.67 13.65 -19.37
N LEU B 15 -5.84 13.15 -18.45
CA LEU B 15 -5.66 13.79 -17.15
C LEU B 15 -4.89 15.10 -17.18
N GLY B 16 -4.02 15.25 -18.17
CA GLY B 16 -3.25 16.48 -18.26
C GLY B 16 -4.16 17.68 -18.42
N PRO B 17 -4.98 17.73 -19.47
CA PRO B 17 -5.88 18.86 -19.67
C PRO B 17 -6.98 18.91 -18.62
N PHE B 18 -7.36 17.75 -18.09
CA PHE B 18 -8.40 17.70 -17.07
C PHE B 18 -7.91 18.47 -15.84
N ARG B 19 -6.68 18.18 -15.42
CA ARG B 19 -6.10 18.85 -14.27
C ARG B 19 -5.99 20.36 -14.49
N GLU B 20 -5.68 20.75 -15.73
CA GLU B 20 -5.58 22.17 -16.04
C GLU B 20 -6.95 22.84 -15.84
N PHE B 21 -7.99 22.16 -16.31
CA PHE B 21 -9.35 22.67 -16.16
C PHE B 21 -9.69 22.80 -14.68
N LEU B 22 -9.42 21.75 -13.91
CA LEU B 22 -9.71 21.76 -12.48
C LEU B 22 -9.03 22.93 -11.77
N LYS B 23 -7.74 23.14 -12.06
CA LYS B 23 -7.00 24.23 -11.43
C LYS B 23 -7.53 25.60 -11.80
N ALA B 24 -8.01 25.74 -13.04
CA ALA B 24 -8.51 27.01 -13.51
C ALA B 24 -9.97 27.32 -13.20
N GLU B 25 -10.82 26.29 -13.25
CA GLU B 25 -12.24 26.49 -13.03
C GLU B 25 -12.83 25.98 -11.72
N VAL B 26 -12.21 24.97 -11.12
CA VAL B 26 -12.73 24.41 -9.88
C VAL B 26 -12.04 24.90 -8.62
N ALA B 27 -10.71 24.95 -8.64
CA ALA B 27 -9.94 25.37 -7.48
C ALA B 27 -10.27 26.76 -6.92
N PRO B 28 -10.45 27.77 -7.80
CA PRO B 28 -10.75 29.12 -7.35
C PRO B 28 -11.95 29.31 -6.41
N GLY B 29 -13.02 28.56 -6.64
CA GLY B 29 -14.20 28.69 -5.80
C GLY B 29 -14.43 27.61 -4.76
N ALA B 30 -13.47 26.72 -4.58
CA ALA B 30 -13.62 25.64 -3.62
C ALA B 30 -13.85 26.14 -2.19
N ALA B 31 -13.04 27.12 -1.76
CA ALA B 31 -13.18 27.66 -0.42
C ALA B 31 -14.54 28.34 -0.24
N GLU B 32 -14.98 29.09 -1.25
CA GLU B 32 -16.26 29.77 -1.14
C GLU B 32 -17.41 28.77 -1.05
N ARG B 33 -17.37 27.74 -1.88
CA ARG B 33 -18.43 26.74 -1.87
C ARG B 33 -18.51 26.04 -0.51
N ASP B 34 -17.36 25.86 0.14
CA ASP B 34 -17.34 25.24 1.45
C ASP B 34 -18.04 26.13 2.47
N ARG B 35 -18.01 27.44 2.24
CA ARG B 35 -18.65 28.37 3.16
C ARG B 35 -20.15 28.54 2.89
N THR B 36 -20.52 28.63 1.62
CA THR B 36 -21.91 28.85 1.22
C THR B 36 -22.75 27.60 0.95
N GLY B 37 -22.09 26.53 0.52
CA GLY B 37 -22.82 25.31 0.22
C GLY B 37 -23.59 25.40 -1.09
N ALA B 38 -23.34 26.44 -1.87
CA ALA B 38 -24.02 26.63 -3.14
C ALA B 38 -23.64 25.55 -4.15
N PHE B 39 -24.63 24.78 -4.61
CA PHE B 39 -24.37 23.71 -5.57
C PHE B 39 -23.83 24.31 -6.87
N PRO B 40 -22.67 23.81 -7.33
CA PRO B 40 -21.99 24.26 -8.56
C PRO B 40 -22.61 23.81 -9.87
N TRP B 41 -23.83 24.23 -10.16
CA TRP B 41 -24.48 23.84 -11.40
C TRP B 41 -23.63 24.16 -12.64
N ASP B 42 -22.95 25.29 -12.62
CA ASP B 42 -22.11 25.70 -13.75
C ASP B 42 -20.92 24.75 -13.97
N LEU B 43 -20.28 24.33 -12.89
CA LEU B 43 -19.16 23.42 -13.00
C LEU B 43 -19.63 22.03 -13.42
N VAL B 44 -20.85 21.69 -13.03
CA VAL B 44 -21.43 20.39 -13.39
C VAL B 44 -21.58 20.33 -14.91
N ARG B 45 -22.07 21.41 -15.49
CA ARG B 45 -22.27 21.48 -16.94
C ARG B 45 -20.94 21.32 -17.68
N LYS B 46 -19.92 22.05 -17.23
CA LYS B 46 -18.61 21.99 -17.86
C LYS B 46 -17.94 20.63 -17.68
N LEU B 47 -18.08 20.05 -16.49
CA LEU B 47 -17.49 18.75 -16.22
C LEU B 47 -18.12 17.68 -17.11
N ALA B 48 -19.43 17.82 -17.35
CA ALA B 48 -20.16 16.88 -18.18
C ALA B 48 -19.50 16.75 -19.55
N GLU B 49 -18.87 17.84 -20.00
CA GLU B 49 -18.20 17.82 -21.30
C GLU B 49 -17.02 16.84 -21.32
N PHE B 50 -16.38 16.65 -20.14
CA PHE B 50 -15.20 15.80 -20.02
C PHE B 50 -15.54 14.30 -19.97
N GLY B 51 -16.86 14.01 -20.11
CA GLY B 51 -17.36 12.65 -19.93
C GLY B 51 -17.55 12.27 -18.46
N VAL B 52 -17.32 13.25 -17.56
CA VAL B 52 -17.22 12.93 -16.12
C VAL B 52 -18.54 12.47 -15.50
N PHE B 53 -19.75 12.78 -16.07
CA PHE B 53 -20.98 12.29 -15.43
C PHE B 53 -21.53 11.02 -16.09
N GLY B 54 -20.75 10.44 -16.99
CA GLY B 54 -21.14 9.20 -17.65
C GLY B 54 -19.87 8.42 -17.95
N ALA B 55 -18.86 8.64 -17.11
CA ALA B 55 -17.56 8.00 -17.26
C ALA B 55 -17.54 6.51 -17.58
N LEU B 56 -18.33 5.73 -16.86
CA LEU B 56 -18.34 4.28 -17.06
C LEU B 56 -19.45 3.80 -17.99
N VAL B 57 -20.37 4.70 -18.33
CA VAL B 57 -21.46 4.35 -19.22
C VAL B 57 -20.92 4.15 -20.63
N PRO B 58 -21.29 3.04 -21.29
CA PRO B 58 -20.80 2.77 -22.64
C PRO B 58 -21.21 3.90 -23.60
N GLU B 59 -20.37 4.14 -24.60
CA GLU B 59 -20.65 5.20 -25.58
C GLU B 59 -21.98 4.97 -26.28
N ALA B 60 -22.38 3.70 -26.39
CA ALA B 60 -23.63 3.35 -27.04
C ALA B 60 -24.82 4.02 -26.35
N TYR B 61 -24.77 4.08 -25.03
CA TYR B 61 -25.83 4.69 -24.24
C TYR B 61 -25.56 6.18 -23.99
N GLY B 62 -24.59 6.73 -24.71
CA GLY B 62 -24.27 8.14 -24.54
C GLY B 62 -23.27 8.44 -23.45
N GLY B 63 -22.43 7.46 -23.11
CA GLY B 63 -21.45 7.66 -22.07
C GLY B 63 -20.05 7.88 -22.64
N ALA B 64 -19.05 7.93 -21.76
CA ALA B 64 -17.67 8.16 -22.18
C ALA B 64 -16.92 6.84 -22.40
N GLY B 65 -17.48 5.75 -21.90
CA GLY B 65 -16.85 4.45 -22.06
C GLY B 65 -15.44 4.35 -21.52
N LEU B 66 -15.21 4.97 -20.37
CA LEU B 66 -13.87 4.94 -19.76
C LEU B 66 -13.73 3.73 -18.84
N SER B 67 -12.49 3.42 -18.49
CA SER B 67 -12.22 2.29 -17.60
C SER B 67 -12.38 2.73 -16.16
N THR B 68 -12.56 1.76 -15.26
CA THR B 68 -12.71 2.06 -13.85
C THR B 68 -11.44 2.75 -13.36
N ARG B 69 -10.30 2.29 -13.87
CA ARG B 69 -9.01 2.86 -13.48
C ARG B 69 -8.89 4.35 -13.81
N LEU B 70 -9.22 4.71 -15.05
CA LEU B 70 -9.15 6.11 -15.46
C LEU B 70 -10.15 6.95 -14.67
N PHE B 71 -11.36 6.43 -14.48
CA PHE B 71 -12.36 7.18 -13.74
C PHE B 71 -11.89 7.41 -12.31
N ALA B 72 -11.31 6.36 -11.71
CA ALA B 72 -10.81 6.49 -10.35
C ALA B 72 -9.76 7.58 -10.26
N ARG B 73 -8.85 7.64 -11.24
CA ARG B 73 -7.83 8.68 -11.24
C ARG B 73 -8.47 10.06 -11.42
N MET B 74 -9.56 10.12 -12.18
CA MET B 74 -10.24 11.39 -12.38
C MET B 74 -10.90 11.87 -11.09
N VAL B 75 -11.44 10.93 -10.31
CA VAL B 75 -12.06 11.28 -9.04
C VAL B 75 -10.98 11.78 -8.08
N GLU B 76 -9.81 11.12 -8.08
CA GLU B 76 -8.73 11.57 -7.21
C GLU B 76 -8.34 13.01 -7.59
N ALA B 77 -8.28 13.28 -8.89
CA ALA B 77 -7.92 14.61 -9.38
C ALA B 77 -8.92 15.67 -8.94
N ILE B 78 -10.21 15.37 -9.04
CA ILE B 78 -11.24 16.31 -8.62
C ILE B 78 -11.13 16.57 -7.12
N ALA B 79 -11.04 15.48 -6.35
CA ALA B 79 -10.96 15.55 -4.89
C ALA B 79 -9.81 16.41 -4.40
N TYR B 80 -8.72 16.43 -5.16
CA TYR B 80 -7.54 17.20 -4.81
C TYR B 80 -7.88 18.68 -4.71
N TYR B 81 -8.85 19.12 -5.51
CA TYR B 81 -9.25 20.53 -5.52
C TYR B 81 -10.59 20.84 -4.88
N ASP B 82 -11.53 19.90 -4.93
CA ASP B 82 -12.84 20.13 -4.34
C ASP B 82 -13.47 18.79 -3.94
N GLY B 83 -13.45 18.52 -2.65
CA GLY B 83 -14.01 17.28 -2.14
C GLY B 83 -15.48 17.10 -2.40
N ALA B 84 -16.26 18.19 -2.27
CA ALA B 84 -17.70 18.10 -2.49
C ALA B 84 -18.02 17.72 -3.92
N LEU B 85 -17.29 18.31 -4.86
CA LEU B 85 -17.51 18.02 -6.27
C LEU B 85 -17.11 16.59 -6.56
N ALA B 86 -16.05 16.11 -5.91
CA ALA B 86 -15.61 14.74 -6.11
C ALA B 86 -16.67 13.75 -5.66
N LEU B 87 -17.33 14.03 -4.54
CA LEU B 87 -18.38 13.14 -4.04
C LEU B 87 -19.57 13.18 -4.98
N THR B 88 -19.88 14.36 -5.50
CA THR B 88 -20.99 14.52 -6.42
C THR B 88 -20.77 13.63 -7.64
N VAL B 89 -19.58 13.71 -8.21
CA VAL B 89 -19.23 12.91 -9.37
C VAL B 89 -19.17 11.43 -9.05
N ALA B 90 -18.47 11.07 -7.98
CA ALA B 90 -18.35 9.66 -7.60
C ALA B 90 -19.70 8.98 -7.34
N SER B 91 -20.55 9.61 -6.53
CA SER B 91 -21.85 9.03 -6.22
C SER B 91 -22.76 8.94 -7.44
N HIS B 92 -22.86 10.02 -8.20
CA HIS B 92 -23.70 10.03 -9.41
C HIS B 92 -23.34 8.85 -10.31
N ASN B 93 -22.05 8.70 -10.59
CA ASN B 93 -21.55 7.64 -11.44
C ASN B 93 -21.65 6.23 -10.86
N SER B 94 -21.15 6.06 -9.64
CA SER B 94 -21.14 4.75 -9.00
C SER B 94 -22.45 4.17 -8.49
N LEU B 95 -23.32 5.01 -7.94
CA LEU B 95 -24.56 4.52 -7.36
C LEU B 95 -25.77 4.52 -8.29
N ALA B 96 -26.46 5.65 -8.41
CA ALA B 96 -27.63 5.70 -9.27
C ALA B 96 -27.35 5.20 -10.68
N THR B 97 -26.37 5.81 -11.35
CA THR B 97 -26.03 5.43 -12.70
C THR B 97 -25.50 4.00 -12.79
N GLY B 98 -24.58 3.65 -11.89
CA GLY B 98 -24.01 2.33 -11.88
C GLY B 98 -25.02 1.21 -11.67
N HIS B 99 -26.02 1.48 -10.82
CA HIS B 99 -27.03 0.48 -10.53
C HIS B 99 -27.92 0.24 -11.76
N ILE B 100 -28.27 1.32 -12.46
CA ILE B 100 -29.11 1.18 -13.65
C ILE B 100 -28.31 0.47 -14.75
N LEU B 101 -27.02 0.79 -14.86
CA LEU B 101 -26.18 0.16 -15.86
C LEU B 101 -26.02 -1.33 -15.58
N LEU B 102 -25.96 -1.67 -14.29
CA LEU B 102 -25.79 -3.05 -13.87
C LEU B 102 -27.02 -3.95 -14.00
N ALA B 103 -28.16 -3.48 -13.52
CA ALA B 103 -29.38 -4.29 -13.56
C ALA B 103 -30.46 -3.85 -14.53
N GLY B 104 -30.25 -2.71 -15.18
CA GLY B 104 -31.24 -2.20 -16.11
C GLY B 104 -31.46 -3.03 -17.37
N SER B 105 -32.70 -3.06 -17.83
CA SER B 105 -33.02 -3.78 -19.06
C SER B 105 -32.58 -2.86 -20.18
N GLU B 106 -32.57 -3.36 -21.42
CA GLU B 106 -32.17 -2.52 -22.54
C GLU B 106 -33.03 -1.26 -22.60
N ALA B 107 -34.32 -1.43 -22.36
CA ALA B 107 -35.26 -0.32 -22.39
C ALA B 107 -34.96 0.71 -21.30
N GLN B 108 -34.67 0.23 -20.10
CA GLN B 108 -34.37 1.13 -19.00
C GLN B 108 -33.06 1.87 -19.21
N LYS B 109 -32.06 1.16 -19.73
CA LYS B 109 -30.77 1.76 -19.98
C LYS B 109 -30.83 2.84 -21.07
N GLU B 110 -31.63 2.60 -22.10
CA GLU B 110 -31.76 3.57 -23.17
C GLU B 110 -32.53 4.81 -22.71
N ALA B 111 -33.42 4.63 -21.73
CA ALA B 111 -34.23 5.72 -21.23
C ALA B 111 -33.56 6.55 -20.14
N PHE B 112 -32.76 5.91 -19.30
CA PHE B 112 -32.09 6.61 -18.20
C PHE B 112 -30.64 7.04 -18.42
N LEU B 113 -29.80 6.12 -18.87
CA LEU B 113 -28.39 6.42 -19.06
C LEU B 113 -28.02 7.64 -19.90
N PRO B 114 -28.67 7.86 -21.05
CA PRO B 114 -28.31 9.04 -21.82
C PRO B 114 -28.45 10.35 -21.05
N LYS B 115 -29.51 10.46 -20.26
CA LYS B 115 -29.74 11.66 -19.46
C LYS B 115 -28.79 11.77 -18.28
N LEU B 116 -28.47 10.65 -17.65
CA LEU B 116 -27.55 10.65 -16.52
C LEU B 116 -26.13 10.94 -17.00
N ALA B 117 -25.74 10.26 -18.09
CA ALA B 117 -24.40 10.40 -18.66
C ALA B 117 -24.07 11.79 -19.17
N SER B 118 -25.07 12.58 -19.52
CA SER B 118 -24.85 13.92 -20.03
C SER B 118 -24.89 14.97 -18.92
N GLY B 119 -25.28 14.55 -17.72
CA GLY B 119 -25.36 15.47 -16.60
C GLY B 119 -26.65 16.26 -16.59
N GLU B 120 -27.49 16.06 -17.61
CA GLU B 120 -28.75 16.78 -17.67
C GLU B 120 -29.65 16.35 -16.51
N ALA B 121 -29.48 15.10 -16.09
CA ALA B 121 -30.24 14.56 -14.96
C ALA B 121 -29.26 13.93 -13.99
N LEU B 122 -29.14 14.52 -12.80
CA LEU B 122 -28.23 13.97 -11.80
C LEU B 122 -28.93 12.81 -11.12
N GLY B 123 -28.15 11.83 -10.66
CA GLY B 123 -28.75 10.68 -10.03
C GLY B 123 -28.61 10.54 -8.52
N ALA B 124 -29.70 10.18 -7.86
CA ALA B 124 -29.73 9.98 -6.42
C ALA B 124 -30.03 8.51 -6.15
N TRP B 125 -29.31 7.93 -5.21
CA TRP B 125 -29.45 6.52 -4.87
C TRP B 125 -29.88 6.43 -3.41
N GLY B 126 -31.11 5.97 -3.18
CA GLY B 126 -31.63 5.90 -1.83
C GLY B 126 -31.69 4.55 -1.17
N LEU B 127 -30.69 4.24 -0.34
CA LEU B 127 -30.63 2.98 0.37
C LEU B 127 -30.83 3.20 1.87
N THR B 128 -29.98 4.05 2.43
CA THR B 128 -30.00 4.36 3.85
C THR B 128 -31.27 5.03 4.36
N GLU B 129 -31.64 4.69 5.59
CA GLU B 129 -32.83 5.23 6.23
C GLU B 129 -32.50 5.69 7.64
N PRO B 130 -33.42 6.42 8.29
CA PRO B 130 -33.16 6.90 9.65
C PRO B 130 -32.80 5.76 10.62
N GLY B 131 -33.41 4.59 10.44
CA GLY B 131 -33.13 3.49 11.34
C GLY B 131 -32.15 2.45 10.85
N SER B 132 -31.63 2.61 9.64
CA SER B 132 -30.70 1.63 9.09
C SER B 132 -29.66 2.22 8.15
N GLY B 133 -28.40 1.90 8.42
CA GLY B 133 -27.31 2.36 7.58
C GLY B 133 -26.36 1.20 7.33
N SER B 134 -25.54 0.86 8.32
CA SER B 134 -24.62 -0.26 8.17
C SER B 134 -25.44 -1.51 7.93
N ASP B 135 -26.54 -1.64 8.66
CA ASP B 135 -27.44 -2.79 8.52
C ASP B 135 -28.47 -2.37 7.46
N ALA B 136 -27.98 -2.15 6.24
CA ALA B 136 -28.79 -1.69 5.12
C ALA B 136 -30.01 -2.55 4.77
N ALA B 137 -29.92 -3.87 4.99
CA ALA B 137 -31.03 -4.76 4.67
C ALA B 137 -32.21 -4.63 5.63
N ALA B 138 -32.06 -3.79 6.65
CA ALA B 138 -33.12 -3.58 7.63
C ALA B 138 -34.04 -2.42 7.23
N LEU B 139 -33.89 -1.94 6.00
CA LEU B 139 -34.69 -0.83 5.50
C LEU B 139 -36.19 -1.10 5.67
N LYS B 140 -36.94 -0.04 5.93
CA LYS B 140 -38.39 -0.15 6.15
C LYS B 140 -39.25 0.39 5.02
N THR B 141 -38.66 1.11 4.07
CA THR B 141 -39.44 1.64 2.95
C THR B 141 -40.15 0.47 2.28
N LYS B 142 -41.45 0.63 2.04
CA LYS B 142 -42.24 -0.42 1.43
C LYS B 142 -42.68 -0.06 0.01
N ALA B 143 -42.88 -1.10 -0.79
CA ALA B 143 -43.34 -0.94 -2.17
C ALA B 143 -44.51 -1.90 -2.33
N GLU B 144 -45.72 -1.35 -2.31
CA GLU B 144 -46.94 -2.14 -2.44
C GLU B 144 -47.36 -2.22 -3.91
N LYS B 145 -47.74 -3.40 -4.36
CA LYS B 145 -48.16 -3.60 -5.74
C LYS B 145 -49.56 -3.06 -5.98
N VAL B 146 -49.69 -2.18 -6.97
CA VAL B 146 -50.97 -1.60 -7.32
C VAL B 146 -51.22 -1.73 -8.82
N GLU B 147 -52.39 -1.27 -9.26
CA GLU B 147 -52.76 -1.34 -10.67
C GLU B 147 -51.78 -0.58 -11.56
N GLY B 148 -51.06 -1.31 -12.40
CA GLY B 148 -50.13 -0.69 -13.33
C GLY B 148 -48.82 -0.16 -12.74
N GLY B 149 -48.46 -0.61 -11.54
CA GLY B 149 -47.23 -0.13 -10.94
C GLY B 149 -47.09 -0.41 -9.45
N TRP B 150 -46.41 0.51 -8.75
CA TRP B 150 -46.20 0.37 -7.32
C TRP B 150 -46.42 1.69 -6.58
N ARG B 151 -46.65 1.58 -5.29
CA ARG B 151 -46.83 2.74 -4.42
C ARG B 151 -45.77 2.63 -3.33
N LEU B 152 -44.86 3.58 -3.28
CA LEU B 152 -43.79 3.55 -2.29
C LEU B 152 -44.00 4.48 -1.10
N ASN B 153 -43.66 3.97 0.07
CA ASN B 153 -43.80 4.70 1.32
C ASN B 153 -42.59 4.46 2.22
N GLY B 154 -41.93 5.55 2.61
CA GLY B 154 -40.77 5.40 3.48
C GLY B 154 -39.91 6.65 3.50
N THR B 155 -38.83 6.59 4.28
CA THR B 155 -37.92 7.71 4.39
C THR B 155 -36.48 7.28 4.13
N LYS B 156 -35.77 8.06 3.33
CA LYS B 156 -34.37 7.77 3.04
C LYS B 156 -33.55 8.87 3.69
N GLN B 157 -32.40 8.49 4.26
CA GLN B 157 -31.55 9.42 4.99
C GLN B 157 -30.18 9.67 4.35
N PHE B 158 -29.74 10.93 4.39
CA PHE B 158 -28.44 11.33 3.85
C PHE B 158 -28.24 10.96 2.38
N ILE B 159 -29.22 11.22 1.54
CA ILE B 159 -29.07 10.87 0.12
C ILE B 159 -28.35 11.93 -0.72
N THR B 160 -27.21 11.56 -1.29
CA THR B 160 -26.45 12.50 -2.12
C THR B 160 -27.23 12.78 -3.40
N GLN B 161 -27.34 14.07 -3.74
CA GLN B 161 -28.09 14.55 -4.90
C GLN B 161 -29.59 14.42 -4.63
N GLY B 162 -29.92 14.10 -3.38
CA GLY B 162 -31.32 13.93 -3.00
C GLY B 162 -32.27 15.03 -3.41
N SER B 163 -31.86 16.29 -3.31
CA SER B 163 -32.74 17.40 -3.67
C SER B 163 -32.57 17.93 -5.10
N VAL B 164 -31.44 17.64 -5.72
CA VAL B 164 -31.18 18.12 -7.08
C VAL B 164 -31.27 17.08 -8.17
N ALA B 165 -31.52 15.83 -7.79
CA ALA B 165 -31.59 14.74 -8.76
C ALA B 165 -32.77 14.77 -9.73
N GLY B 166 -32.52 14.25 -10.93
CA GLY B 166 -33.54 14.17 -11.96
C GLY B 166 -33.99 12.72 -12.05
N VAL B 167 -33.10 11.82 -11.62
CA VAL B 167 -33.37 10.39 -11.64
C VAL B 167 -33.14 9.85 -10.23
N TYR B 168 -34.02 8.96 -9.78
CA TYR B 168 -33.90 8.37 -8.45
C TYR B 168 -33.93 6.86 -8.50
N VAL B 169 -33.11 6.23 -7.67
CA VAL B 169 -33.07 4.78 -7.55
C VAL B 169 -33.30 4.56 -6.07
N VAL B 170 -34.43 3.93 -5.74
CA VAL B 170 -34.79 3.70 -4.36
C VAL B 170 -34.99 2.22 -4.04
N MET B 171 -34.47 1.79 -2.89
CA MET B 171 -34.62 0.41 -2.47
C MET B 171 -35.80 0.32 -1.49
N ALA B 172 -36.70 -0.62 -1.76
CA ALA B 172 -37.89 -0.81 -0.93
C ALA B 172 -38.24 -2.29 -0.85
N ARG B 173 -38.85 -2.70 0.26
CA ARG B 173 -39.24 -4.08 0.42
C ARG B 173 -40.54 -4.38 -0.32
N THR B 174 -40.52 -5.40 -1.16
CA THR B 174 -41.70 -5.80 -1.93
C THR B 174 -42.28 -7.12 -1.41
N ASP B 175 -41.43 -7.93 -0.78
CA ASP B 175 -41.88 -9.21 -0.25
C ASP B 175 -41.34 -9.47 1.15
N PRO B 176 -42.11 -10.17 1.99
CA PRO B 176 -41.71 -10.50 3.36
C PRO B 176 -40.44 -11.32 3.39
N PRO B 177 -39.57 -11.07 4.38
CA PRO B 177 -38.32 -11.82 4.49
C PRO B 177 -38.58 -13.23 5.02
N PRO B 178 -38.01 -14.25 4.37
CA PRO B 178 -38.20 -15.65 4.78
C PRO B 178 -37.91 -15.84 6.26
N SER B 179 -36.91 -15.11 6.75
CA SER B 179 -36.51 -15.17 8.15
C SER B 179 -35.74 -13.90 8.48
N PRO B 180 -35.63 -13.55 9.76
CA PRO B 180 -34.90 -12.35 10.16
C PRO B 180 -33.42 -12.38 9.77
N GLU B 181 -32.89 -13.58 9.60
CA GLU B 181 -31.49 -13.75 9.23
C GLU B 181 -31.31 -13.54 7.72
N ARG B 182 -32.39 -13.73 6.98
CA ARG B 182 -32.37 -13.58 5.52
C ARG B 182 -33.21 -12.38 5.11
N LYS B 183 -33.20 -11.33 5.93
CA LYS B 183 -33.98 -10.13 5.65
C LYS B 183 -33.55 -9.44 4.37
N HIS B 184 -32.38 -9.79 3.84
CA HIS B 184 -31.90 -9.16 2.61
C HIS B 184 -32.78 -9.59 1.44
N GLN B 185 -33.47 -10.72 1.58
CA GLN B 185 -34.36 -11.20 0.53
C GLN B 185 -35.69 -10.47 0.63
N GLY B 186 -36.28 -10.14 -0.50
CA GLY B 186 -37.55 -9.44 -0.48
C GLY B 186 -37.44 -7.96 -0.78
N ILE B 187 -36.20 -7.50 -0.98
CA ILE B 187 -35.94 -6.10 -1.28
C ILE B 187 -35.79 -5.91 -2.78
N SER B 188 -36.41 -4.86 -3.32
CA SER B 188 -36.32 -4.56 -4.74
C SER B 188 -35.83 -3.14 -4.95
N ALA B 189 -35.37 -2.85 -6.16
CA ALA B 189 -34.89 -1.52 -6.51
C ALA B 189 -35.86 -0.91 -7.51
N PHE B 190 -36.04 0.40 -7.44
CA PHE B 190 -36.94 1.09 -8.36
C PHE B 190 -36.26 2.33 -8.92
N ALA B 191 -36.26 2.44 -10.25
CA ALA B 191 -35.66 3.58 -10.92
C ALA B 191 -36.76 4.45 -11.52
N PHE B 192 -36.67 5.76 -11.32
CA PHE B 192 -37.69 6.66 -11.85
C PHE B 192 -37.24 8.12 -11.95
N PHE B 193 -37.94 8.88 -12.78
CA PHE B 193 -37.66 10.29 -12.97
C PHE B 193 -38.34 11.08 -11.87
N ARG B 194 -37.79 12.26 -11.57
CA ARG B 194 -38.33 13.15 -10.54
C ARG B 194 -39.85 13.25 -10.74
N PRO B 195 -40.64 12.69 -9.80
CA PRO B 195 -42.10 12.73 -9.89
C PRO B 195 -42.70 14.10 -9.62
N GLU B 196 -43.98 14.26 -9.94
CA GLU B 196 -44.66 15.53 -9.71
C GLU B 196 -45.16 15.62 -8.28
N ARG B 197 -45.37 14.45 -7.67
CA ARG B 197 -45.82 14.38 -6.28
C ARG B 197 -45.43 13.04 -5.66
N GLY B 198 -45.48 12.96 -4.34
CA GLY B 198 -45.14 11.73 -3.66
C GLY B 198 -43.71 11.70 -3.14
N LEU B 199 -42.91 12.69 -3.55
CA LEU B 199 -41.52 12.76 -3.10
C LEU B 199 -41.16 14.16 -2.62
N LYS B 200 -40.93 14.31 -1.32
CA LYS B 200 -40.53 15.62 -0.84
C LYS B 200 -39.22 15.53 -0.07
N VAL B 201 -38.49 16.64 -0.11
CA VAL B 201 -37.17 16.71 0.52
C VAL B 201 -37.34 17.29 1.93
N GLY B 202 -36.82 16.57 2.92
CA GLY B 202 -36.94 17.00 4.30
C GLY B 202 -35.99 18.11 4.71
N ARG B 203 -36.04 18.47 6.00
CA ARG B 203 -35.18 19.51 6.55
C ARG B 203 -33.72 19.22 6.25
N LYS B 204 -33.10 20.08 5.46
CA LYS B 204 -31.69 19.92 5.10
C LYS B 204 -30.81 19.98 6.35
N GLU B 205 -29.82 19.10 6.42
CA GLU B 205 -28.92 19.07 7.56
C GLU B 205 -27.59 19.72 7.19
N GLU B 206 -27.00 20.43 8.14
CA GLU B 206 -25.72 21.07 7.92
C GLU B 206 -24.66 20.00 8.18
N LYS B 207 -23.62 19.97 7.36
CA LYS B 207 -22.57 18.96 7.49
C LYS B 207 -21.23 19.50 7.95
N LEU B 208 -20.44 18.62 8.53
CA LEU B 208 -19.10 18.95 9.02
C LEU B 208 -18.23 19.43 7.86
N GLY B 209 -18.37 18.77 6.71
CA GLY B 209 -17.61 19.14 5.53
C GLY B 209 -18.41 18.84 4.27
N LEU B 210 -17.75 18.90 3.11
CA LEU B 210 -18.42 18.64 1.83
C LEU B 210 -19.70 19.48 1.76
N THR B 211 -19.59 20.72 2.21
CA THR B 211 -20.73 21.64 2.26
C THR B 211 -21.56 21.74 0.98
N ALA B 212 -20.88 21.92 -0.15
CA ALA B 212 -21.56 22.08 -1.43
C ALA B 212 -22.11 20.79 -2.03
N SER B 213 -21.90 19.67 -1.35
CA SER B 213 -22.43 18.41 -1.84
C SER B 213 -23.89 18.35 -1.38
N ASP B 214 -24.80 18.10 -2.31
CA ASP B 214 -26.21 18.03 -2.00
C ASP B 214 -26.54 16.74 -1.24
N THR B 215 -27.03 16.89 -0.02
CA THR B 215 -27.38 15.75 0.82
C THR B 215 -28.75 16.06 1.42
N ALA B 216 -29.69 15.13 1.27
CA ALA B 216 -31.02 15.38 1.80
C ALA B 216 -31.79 14.15 2.19
N GLN B 217 -32.81 14.35 3.03
CA GLN B 217 -33.68 13.28 3.49
C GLN B 217 -34.81 13.24 2.46
N LEU B 218 -35.21 12.04 2.07
CA LEU B 218 -36.29 11.90 1.10
C LEU B 218 -37.48 11.23 1.76
N ILE B 219 -38.64 11.85 1.64
CA ILE B 219 -39.86 11.30 2.22
C ILE B 219 -40.76 10.84 1.09
N LEU B 220 -40.95 9.54 0.98
CA LEU B 220 -41.79 8.97 -0.07
C LEU B 220 -43.19 8.80 0.51
N GLU B 221 -44.16 9.49 -0.07
CA GLU B 221 -45.54 9.42 0.41
C GLU B 221 -46.46 8.91 -0.69
N ASP B 222 -46.78 7.63 -0.64
CA ASP B 222 -47.56 6.93 -1.64
C ASP B 222 -47.19 7.40 -3.04
N LEU B 223 -45.89 7.30 -3.27
CA LEU B 223 -45.30 7.64 -4.55
C LEU B 223 -45.55 6.53 -5.55
N PHE B 224 -46.21 6.85 -6.65
CA PHE B 224 -46.49 5.86 -7.67
C PHE B 224 -45.41 5.81 -8.73
N VAL B 225 -45.02 4.59 -9.09
CA VAL B 225 -44.01 4.35 -10.11
C VAL B 225 -44.57 3.24 -11.01
N PRO B 226 -44.37 3.35 -12.33
CA PRO B 226 -44.85 2.34 -13.27
C PRO B 226 -44.16 0.99 -13.12
N GLU B 227 -44.70 -0.03 -13.77
CA GLU B 227 -44.14 -1.38 -13.72
C GLU B 227 -42.69 -1.35 -14.21
N GLU B 228 -42.43 -0.44 -15.16
CA GLU B 228 -41.10 -0.30 -15.75
C GLU B 228 -40.08 0.26 -14.76
N ALA B 229 -40.54 0.67 -13.59
CA ALA B 229 -39.65 1.24 -12.58
C ALA B 229 -38.83 0.15 -11.88
N LEU B 230 -39.39 -1.05 -11.80
CA LEU B 230 -38.69 -2.16 -11.15
C LEU B 230 -37.33 -2.39 -11.81
N LEU B 231 -36.28 -2.23 -11.01
CA LEU B 231 -34.91 -2.39 -11.50
C LEU B 231 -34.33 -3.70 -10.98
N GLY B 232 -34.06 -4.63 -11.89
CA GLY B 232 -33.53 -5.93 -11.50
C GLY B 232 -34.68 -6.87 -11.16
N GLU B 233 -34.35 -8.06 -10.67
CA GLU B 233 -35.39 -9.03 -10.31
C GLU B 233 -36.08 -8.65 -9.01
N ARG B 234 -37.39 -8.86 -8.95
CA ARG B 234 -38.16 -8.55 -7.76
C ARG B 234 -37.63 -9.34 -6.57
N GLY B 235 -37.34 -8.63 -5.48
CA GLY B 235 -36.85 -9.27 -4.27
C GLY B 235 -35.36 -9.58 -4.26
N LYS B 236 -34.67 -9.29 -5.36
CA LYS B 236 -33.24 -9.54 -5.47
C LYS B 236 -32.46 -8.24 -5.53
N GLY B 237 -33.11 -7.14 -5.16
CA GLY B 237 -32.47 -5.84 -5.21
C GLY B 237 -31.24 -5.66 -4.34
N PHE B 238 -31.24 -6.26 -3.16
CA PHE B 238 -30.10 -6.10 -2.26
C PHE B 238 -28.81 -6.70 -2.80
N TYR B 239 -28.93 -7.76 -3.60
CA TYR B 239 -27.74 -8.39 -4.18
C TYR B 239 -27.06 -7.42 -5.14
N ASP B 240 -27.86 -6.69 -5.92
CA ASP B 240 -27.33 -5.72 -6.85
C ASP B 240 -26.72 -4.57 -6.05
N VAL B 241 -27.38 -4.20 -4.96
CA VAL B 241 -26.91 -3.13 -4.09
C VAL B 241 -25.47 -3.43 -3.63
N LEU B 242 -25.23 -4.67 -3.23
CA LEU B 242 -23.90 -5.05 -2.76
C LEU B 242 -22.86 -4.89 -3.86
N ARG B 243 -23.23 -5.26 -5.08
CA ARG B 243 -22.32 -5.15 -6.21
C ARG B 243 -22.04 -3.68 -6.52
N VAL B 244 -23.07 -2.85 -6.40
CA VAL B 244 -22.94 -1.42 -6.65
C VAL B 244 -21.98 -0.79 -5.64
N LEU B 245 -22.08 -1.20 -4.38
CA LEU B 245 -21.21 -0.66 -3.34
C LEU B 245 -19.74 -1.03 -3.56
N ASP B 246 -19.48 -2.23 -4.07
CA ASP B 246 -18.11 -2.63 -4.33
C ASP B 246 -17.47 -1.63 -5.29
N GLY B 247 -18.17 -1.31 -6.37
CA GLY B 247 -17.65 -0.37 -7.33
C GLY B 247 -17.53 1.03 -6.74
N GLY B 248 -18.54 1.41 -5.96
CA GLY B 248 -18.53 2.74 -5.35
C GLY B 248 -17.36 2.96 -4.41
N ARG B 249 -17.01 1.92 -3.66
CA ARG B 249 -15.90 2.01 -2.71
C ARG B 249 -14.57 2.34 -3.37
N ILE B 250 -14.41 1.94 -4.63
CA ILE B 250 -13.18 2.24 -5.35
C ILE B 250 -13.12 3.75 -5.57
N GLY B 251 -14.27 4.34 -5.92
CA GLY B 251 -14.33 5.77 -6.14
C GLY B 251 -14.08 6.57 -4.87
N ILE B 252 -14.60 6.08 -3.75
CA ILE B 252 -14.41 6.78 -2.48
C ILE B 252 -12.95 6.66 -2.05
N ALA B 253 -12.32 5.53 -2.36
CA ALA B 253 -10.91 5.35 -2.02
C ALA B 253 -10.11 6.42 -2.77
N ALA B 254 -10.42 6.60 -4.04
CA ALA B 254 -9.72 7.58 -4.86
C ALA B 254 -9.95 9.00 -4.33
N MET B 255 -11.19 9.25 -3.91
CA MET B 255 -11.55 10.55 -3.36
C MET B 255 -10.68 10.84 -2.15
N ALA B 256 -10.56 9.85 -1.27
CA ALA B 256 -9.75 9.99 -0.07
C ALA B 256 -8.31 10.29 -0.42
N VAL B 257 -7.75 9.56 -1.37
CA VAL B 257 -6.36 9.78 -1.75
C VAL B 257 -6.15 11.22 -2.26
N GLY B 258 -7.11 11.72 -3.04
CA GLY B 258 -6.98 13.08 -3.55
C GLY B 258 -6.91 14.11 -2.45
N LEU B 259 -7.81 14.01 -1.47
CA LEU B 259 -7.84 14.94 -0.35
C LEU B 259 -6.57 14.82 0.50
N GLY B 260 -6.15 13.58 0.77
CA GLY B 260 -4.95 13.38 1.55
C GLY B 260 -3.72 13.91 0.84
N GLN B 261 -3.66 13.72 -0.47
CA GLN B 261 -2.51 14.20 -1.25
C GLN B 261 -2.48 15.73 -1.24
N ALA B 262 -3.65 16.36 -1.31
CA ALA B 262 -3.69 17.82 -1.30
C ALA B 262 -3.17 18.33 0.04
N ALA B 263 -3.55 17.66 1.13
CA ALA B 263 -3.08 18.07 2.44
C ALA B 263 -1.59 17.87 2.59
N LEU B 264 -1.10 16.73 2.10
CA LEU B 264 0.32 16.42 2.18
C LEU B 264 1.13 17.42 1.38
N ASP B 265 0.68 17.71 0.16
CA ASP B 265 1.38 18.66 -0.70
C ASP B 265 1.43 20.04 -0.09
N TYR B 266 0.32 20.46 0.53
CA TYR B 266 0.29 21.77 1.16
C TYR B 266 1.23 21.81 2.35
N ALA B 267 1.19 20.77 3.18
CA ALA B 267 2.06 20.71 4.34
C ALA B 267 3.53 20.71 3.96
N LEU B 268 3.88 20.01 2.87
CA LEU B 268 5.25 19.93 2.39
C LEU B 268 5.77 21.31 1.99
N ALA B 269 4.97 22.01 1.19
CA ALA B 269 5.33 23.34 0.74
C ALA B 269 5.42 24.29 1.92
N TYR B 270 4.47 24.19 2.83
CA TYR B 270 4.47 25.06 4.00
C TYR B 270 5.68 24.83 4.89
N ALA B 271 5.99 23.56 5.17
CA ALA B 271 7.11 23.20 6.03
C ALA B 271 8.46 23.62 5.45
N LYS B 272 8.53 23.72 4.13
CA LYS B 272 9.76 24.11 3.46
C LYS B 272 9.97 25.63 3.55
N GLY B 273 8.87 26.37 3.63
CA GLY B 273 8.96 27.82 3.69
C GLY B 273 8.87 28.46 5.07
N ARG B 274 8.16 27.80 5.99
CA ARG B 274 8.01 28.33 7.35
C ARG B 274 9.22 28.00 8.20
N GLU B 275 9.84 29.02 8.80
CA GLU B 275 11.01 28.80 9.64
C GLU B 275 10.73 29.04 11.12
N ALA B 276 11.47 28.33 11.95
CA ALA B 276 11.37 28.43 13.40
C ALA B 276 12.72 28.00 13.96
N PHE B 277 13.20 28.71 14.97
CA PHE B 277 14.48 28.39 15.59
C PHE B 277 15.64 28.42 14.59
N GLY B 278 15.54 29.31 13.61
CA GLY B 278 16.59 29.46 12.62
C GLY B 278 16.62 28.55 11.40
N ARG B 279 15.58 27.74 11.20
CA ARG B 279 15.57 26.87 10.04
C ARG B 279 14.16 26.44 9.63
N PRO B 280 14.01 25.95 8.39
CA PRO B 280 12.69 25.51 7.94
C PRO B 280 12.19 24.45 8.92
N ILE B 281 10.91 24.50 9.27
CA ILE B 281 10.39 23.52 10.22
C ILE B 281 10.48 22.11 9.65
N ALA B 282 10.66 22.00 8.34
CA ALA B 282 10.78 20.70 7.70
C ALA B 282 12.06 20.00 8.15
N GLU B 283 12.99 20.77 8.71
CA GLU B 283 14.25 20.19 9.17
C GLU B 283 14.17 19.54 10.55
N PHE B 284 13.02 19.65 11.19
CA PHE B 284 12.80 19.02 12.49
C PHE B 284 12.09 17.71 12.22
N GLU B 285 12.59 16.63 12.81
CA GLU B 285 11.99 15.32 12.58
C GLU B 285 10.55 15.23 13.05
N GLY B 286 10.17 16.05 14.03
CA GLY B 286 8.80 16.03 14.51
C GLY B 286 7.84 16.39 13.38
N VAL B 287 8.35 17.12 12.39
CA VAL B 287 7.56 17.53 11.25
C VAL B 287 7.82 16.60 10.06
N SER B 288 9.09 16.39 9.72
CA SER B 288 9.43 15.56 8.57
C SER B 288 8.97 14.11 8.68
N PHE B 289 8.97 13.54 9.89
CA PHE B 289 8.53 12.17 10.04
C PHE B 289 7.04 12.04 9.73
N LYS B 290 6.27 13.08 10.08
CA LYS B 290 4.84 13.07 9.80
C LYS B 290 4.65 13.06 8.28
N LEU B 291 5.43 13.88 7.60
CA LEU B 291 5.34 13.98 6.13
C LEU B 291 5.73 12.67 5.45
N ALA B 292 6.79 12.04 5.93
CA ALA B 292 7.26 10.78 5.35
C ALA B 292 6.24 9.66 5.53
N GLU B 293 5.65 9.57 6.72
CA GLU B 293 4.65 8.52 6.96
C GLU B 293 3.41 8.73 6.09
N ALA B 294 2.91 9.96 6.04
CA ALA B 294 1.72 10.26 5.25
C ALA B 294 1.95 9.94 3.78
N ALA B 295 3.11 10.34 3.24
CA ALA B 295 3.41 10.09 1.85
C ALA B 295 3.46 8.60 1.55
N THR B 296 4.07 7.85 2.45
CA THR B 296 4.19 6.40 2.27
C THR B 296 2.81 5.72 2.26
N GLU B 297 1.96 6.10 3.21
CA GLU B 297 0.64 5.51 3.27
C GLU B 297 -0.22 5.93 2.08
N LEU B 298 -0.11 7.18 1.64
CA LEU B 298 -0.91 7.61 0.51
C LEU B 298 -0.50 6.89 -0.78
N GLU B 299 0.80 6.62 -0.94
CA GLU B 299 1.13 5.95 -2.18
C GLU B 299 0.64 4.50 -2.12
N ALA B 300 0.69 3.85 -0.96
CA ALA B 300 0.15 2.51 -0.84
C ALA B 300 -1.37 2.52 -1.11
N ALA B 301 -2.05 3.55 -0.62
CA ALA B 301 -3.49 3.65 -0.82
C ALA B 301 -3.83 3.77 -2.30
N ARG B 302 -3.02 4.52 -3.04
CA ARG B 302 -3.27 4.70 -4.46
C ARG B 302 -3.08 3.35 -5.17
N LEU B 303 -2.03 2.63 -4.81
CA LEU B 303 -1.77 1.32 -5.43
C LEU B 303 -2.95 0.38 -5.15
N LEU B 304 -3.51 0.45 -3.94
CA LEU B 304 -4.64 -0.41 -3.61
C LEU B 304 -5.88 -0.09 -4.43
N TYR B 305 -6.19 1.18 -4.66
CA TYR B 305 -7.39 1.47 -5.45
C TYR B 305 -7.17 1.17 -6.92
N LEU B 306 -5.93 1.34 -7.40
CA LEU B 306 -5.64 1.05 -8.80
C LEU B 306 -5.80 -0.46 -9.01
N LYS B 307 -5.37 -1.24 -8.01
CA LYS B 307 -5.48 -2.69 -8.08
C LYS B 307 -6.96 -3.11 -8.13
N ALA B 308 -7.78 -2.53 -7.27
CA ALA B 308 -9.20 -2.86 -7.24
C ALA B 308 -9.87 -2.50 -8.57
N ALA B 309 -9.53 -1.32 -9.09
CA ALA B 309 -10.09 -0.88 -10.37
C ALA B 309 -9.73 -1.84 -11.49
N GLU B 310 -8.49 -2.33 -11.46
CA GLU B 310 -7.99 -3.26 -12.48
C GLU B 310 -8.78 -4.56 -12.46
N LEU B 311 -9.04 -5.07 -11.26
CA LEU B 311 -9.79 -6.32 -11.12
C LEU B 311 -11.20 -6.15 -11.67
N LYS B 312 -11.80 -5.00 -11.41
CA LYS B 312 -13.15 -4.74 -11.89
C LYS B 312 -13.13 -4.67 -13.42
N ASP B 313 -12.17 -3.92 -13.96
CA ASP B 313 -12.03 -3.79 -15.42
C ASP B 313 -11.77 -5.14 -16.07
N ALA B 314 -11.19 -6.07 -15.32
CA ALA B 314 -10.88 -7.40 -15.84
C ALA B 314 -12.02 -8.39 -15.64
N GLY B 315 -13.14 -7.93 -15.09
CA GLY B 315 -14.28 -8.79 -14.87
C GLY B 315 -14.04 -9.85 -13.81
N ARG B 316 -13.13 -9.56 -12.88
CA ARG B 316 -12.81 -10.51 -11.82
C ARG B 316 -13.37 -10.03 -10.49
N PRO B 317 -13.46 -10.93 -9.50
CA PRO B 317 -13.99 -10.55 -8.18
C PRO B 317 -13.12 -9.43 -7.60
N PHE B 318 -13.74 -8.48 -6.90
CA PHE B 318 -12.98 -7.39 -6.33
C PHE B 318 -13.61 -6.81 -5.05
N THR B 319 -14.51 -7.57 -4.45
CA THR B 319 -15.18 -7.15 -3.21
C THR B 319 -14.14 -6.90 -2.11
N LEU B 320 -13.30 -7.90 -1.89
CA LEU B 320 -12.26 -7.81 -0.88
C LEU B 320 -11.32 -6.66 -1.16
N GLU B 321 -10.87 -6.55 -2.41
CA GLU B 321 -9.93 -5.53 -2.81
C GLU B 321 -10.48 -4.10 -2.75
N ALA B 322 -11.75 -3.93 -3.10
CA ALA B 322 -12.35 -2.60 -3.05
C ALA B 322 -12.50 -2.18 -1.59
N ALA B 323 -12.83 -3.15 -0.72
CA ALA B 323 -12.98 -2.85 0.69
C ALA B 323 -11.62 -2.46 1.29
N GLN B 324 -10.58 -3.19 0.91
CA GLN B 324 -9.24 -2.90 1.42
C GLN B 324 -8.79 -1.52 0.96
N ALA B 325 -9.06 -1.21 -0.30
CA ALA B 325 -8.67 0.09 -0.85
C ALA B 325 -9.35 1.24 -0.12
N LYS B 326 -10.66 1.13 0.06
CA LYS B 326 -11.41 2.19 0.71
C LYS B 326 -11.01 2.34 2.18
N LEU B 327 -10.89 1.22 2.87
CA LEU B 327 -10.49 1.23 4.28
C LEU B 327 -9.13 1.90 4.45
N PHE B 328 -8.14 1.42 3.72
CA PHE B 328 -6.78 1.95 3.83
C PHE B 328 -6.70 3.42 3.42
N ALA B 329 -7.26 3.75 2.25
CA ALA B 329 -7.21 5.12 1.76
C ALA B 329 -7.91 6.12 2.67
N SER B 330 -9.10 5.79 3.13
CA SER B 330 -9.84 6.70 3.99
C SER B 330 -9.13 6.94 5.32
N GLU B 331 -8.64 5.87 5.93
CA GLU B 331 -7.96 5.99 7.20
C GLU B 331 -6.65 6.76 7.04
N ALA B 332 -5.90 6.44 5.99
CA ALA B 332 -4.62 7.11 5.72
C ALA B 332 -4.81 8.59 5.40
N ALA B 333 -5.80 8.89 4.56
CA ALA B 333 -6.07 10.25 4.15
C ALA B 333 -6.47 11.14 5.31
N VAL B 334 -7.40 10.65 6.14
CA VAL B 334 -7.84 11.46 7.27
C VAL B 334 -6.67 11.74 8.22
N LYS B 335 -5.82 10.75 8.44
CA LYS B 335 -4.66 10.95 9.30
C LYS B 335 -3.71 11.99 8.69
N ALA B 336 -3.47 11.86 7.38
CA ALA B 336 -2.58 12.82 6.70
C ALA B 336 -3.13 14.24 6.82
N CYS B 337 -4.45 14.38 6.71
CA CYS B 337 -5.07 15.70 6.80
C CYS B 337 -4.92 16.25 8.21
N ASP B 338 -5.05 15.39 9.21
CA ASP B 338 -4.91 15.84 10.59
C ASP B 338 -3.47 16.27 10.86
N GLU B 339 -2.52 15.55 10.27
CA GLU B 339 -1.11 15.88 10.43
C GLU B 339 -0.80 17.22 9.76
N ALA B 340 -1.49 17.51 8.65
CA ALA B 340 -1.28 18.77 7.94
C ALA B 340 -1.76 19.93 8.80
N ILE B 341 -2.89 19.75 9.48
CA ILE B 341 -3.41 20.80 10.35
C ILE B 341 -2.32 21.08 11.39
N GLN B 342 -1.80 20.00 11.98
CA GLN B 342 -0.77 20.12 13.01
C GLN B 342 0.49 20.83 12.53
N ILE B 343 0.94 20.51 11.33
CA ILE B 343 2.14 21.12 10.78
C ILE B 343 1.98 22.62 10.54
N LEU B 344 0.76 23.06 10.22
CA LEU B 344 0.54 24.49 10.01
C LEU B 344 0.36 25.24 11.33
N GLY B 345 0.26 24.49 12.43
CA GLY B 345 0.09 25.11 13.72
C GLY B 345 -1.18 25.92 13.80
N GLY B 346 -1.10 27.13 14.33
CA GLY B 346 -2.29 27.96 14.44
C GLY B 346 -2.97 28.21 13.10
N TYR B 347 -2.17 28.32 12.04
CA TYR B 347 -2.70 28.58 10.71
C TYR B 347 -3.53 27.40 10.21
N GLY B 348 -3.26 26.22 10.77
CA GLY B 348 -4.02 25.05 10.37
C GLY B 348 -5.43 25.08 10.94
N TYR B 349 -5.64 25.96 11.92
CA TYR B 349 -6.94 26.08 12.58
C TYR B 349 -7.80 27.21 11.99
N VAL B 350 -7.28 27.91 11.01
CA VAL B 350 -8.03 29.01 10.40
C VAL B 350 -8.44 28.71 8.96
N LYS B 351 -9.65 29.15 8.60
CA LYS B 351 -10.21 28.88 7.28
C LYS B 351 -9.57 29.62 6.11
N ASP B 352 -8.61 30.50 6.40
CA ASP B 352 -7.91 31.21 5.34
C ASP B 352 -7.00 30.24 4.60
N TYR B 353 -6.67 29.13 5.25
CA TYR B 353 -5.83 28.07 4.71
C TYR B 353 -6.76 26.88 4.46
N PRO B 354 -6.49 26.09 3.41
CA PRO B 354 -7.32 24.93 3.04
C PRO B 354 -7.20 23.62 3.80
N VAL B 355 -6.18 23.47 4.64
CA VAL B 355 -6.01 22.19 5.32
C VAL B 355 -7.15 21.77 6.26
N GLU B 356 -7.76 22.72 6.97
CA GLU B 356 -8.85 22.32 7.85
C GLU B 356 -10.02 21.82 7.00
N ARG B 357 -10.20 22.38 5.80
CA ARG B 357 -11.28 21.91 4.94
C ARG B 357 -10.94 20.51 4.43
N TYR B 358 -9.68 20.27 4.07
CA TYR B 358 -9.30 18.96 3.57
C TYR B 358 -9.70 17.89 4.58
N TRP B 359 -9.41 18.14 5.86
CA TRP B 359 -9.76 17.17 6.90
C TRP B 359 -11.27 16.98 7.00
N ARG B 360 -12.00 18.11 7.05
CA ARG B 360 -13.45 18.01 7.18
C ARG B 360 -14.09 17.25 6.03
N ASP B 361 -13.55 17.45 4.82
CA ASP B 361 -14.07 16.77 3.63
C ASP B 361 -13.70 15.29 3.67
N ALA B 362 -12.44 15.01 3.94
CA ALA B 362 -11.95 13.63 3.98
C ALA B 362 -12.57 12.80 5.08
N ARG B 363 -12.97 13.44 6.18
CA ARG B 363 -13.53 12.71 7.31
C ARG B 363 -14.71 11.81 6.96
N LEU B 364 -15.51 12.21 5.97
CA LEU B 364 -16.66 11.40 5.59
C LEU B 364 -16.27 10.08 4.89
N THR B 365 -15.08 10.03 4.30
CA THR B 365 -14.66 8.82 3.60
C THR B 365 -14.51 7.58 4.48
N ARG B 366 -14.39 7.78 5.80
CA ARG B 366 -14.28 6.66 6.73
C ARG B 366 -15.68 6.20 7.14
N ILE B 367 -16.70 6.91 6.68
CA ILE B 367 -18.09 6.61 7.04
C ILE B 367 -18.95 6.20 5.85
N GLY B 368 -18.95 7.02 4.80
CA GLY B 368 -19.76 6.73 3.62
C GLY B 368 -19.43 5.44 2.90
N GLU B 369 -20.46 4.85 2.29
CA GLU B 369 -20.38 3.59 1.54
C GLU B 369 -19.72 2.45 2.32
N GLY B 370 -20.07 2.38 3.60
CA GLY B 370 -19.53 1.34 4.46
C GLY B 370 -18.48 1.89 5.40
N THR B 371 -18.82 2.00 6.68
CA THR B 371 -17.87 2.51 7.66
C THR B 371 -16.63 1.62 7.71
N SER B 372 -15.52 2.16 8.21
CA SER B 372 -14.30 1.38 8.31
C SER B 372 -14.57 0.08 9.08
N GLU B 373 -15.43 0.15 10.10
CA GLU B 373 -15.75 -1.03 10.90
C GLU B 373 -16.43 -2.11 10.05
N ILE B 374 -17.38 -1.69 9.22
CA ILE B 374 -18.08 -2.62 8.34
C ILE B 374 -17.11 -3.23 7.34
N LEU B 375 -16.22 -2.40 6.79
CA LEU B 375 -15.25 -2.89 5.82
C LEU B 375 -14.32 -3.94 6.43
N LYS B 376 -13.94 -3.76 7.69
CA LYS B 376 -13.08 -4.75 8.33
C LYS B 376 -13.83 -6.08 8.42
N LEU B 377 -15.14 -6.02 8.61
CA LEU B 377 -15.93 -7.24 8.67
C LEU B 377 -15.97 -7.90 7.30
N VAL B 378 -16.20 -7.10 6.25
CA VAL B 378 -16.25 -7.60 4.88
C VAL B 378 -14.91 -8.27 4.55
N ILE B 379 -13.83 -7.62 4.95
CA ILE B 379 -12.50 -8.15 4.70
C ILE B 379 -12.24 -9.45 5.46
N ALA B 380 -12.49 -9.42 6.77
CA ALA B 380 -12.26 -10.60 7.61
C ALA B 380 -13.05 -11.82 7.13
N ARG B 381 -14.30 -11.61 6.72
CA ARG B 381 -15.11 -12.72 6.25
C ARG B 381 -14.48 -13.39 5.03
N ARG B 382 -14.02 -12.59 4.09
CA ARG B 382 -13.40 -13.13 2.88
C ARG B 382 -12.11 -13.86 3.22
N LEU B 383 -11.32 -13.32 4.15
CA LEU B 383 -10.07 -13.95 4.54
C LEU B 383 -10.30 -15.30 5.23
N LEU B 384 -11.33 -15.35 6.06
CA LEU B 384 -11.62 -16.58 6.80
C LEU B 384 -12.25 -17.66 5.92
N GLU B 385 -13.07 -17.21 4.94
CA GLU B 385 -13.71 -18.17 4.04
C GLU B 385 -12.67 -18.88 3.19
N ALA B 386 -11.56 -18.16 2.96
CA ALA B 386 -10.46 -18.74 2.21
C ALA B 386 -9.65 -19.71 3.09
N VAL B 387 -10.28 -20.06 4.23
CA VAL B 387 -9.70 -20.98 5.23
C VAL B 387 -8.81 -20.27 6.25
PA FAD C . 22.69 3.90 15.70
O1A FAD C . 23.10 4.21 14.31
O2A FAD C . 23.59 4.29 16.81
O5B FAD C . 21.22 4.52 15.97
C5B FAD C . 20.59 4.31 17.23
C4B FAD C . 19.21 4.96 17.29
O4B FAD C . 19.38 6.35 16.94
C3B FAD C . 18.29 4.36 16.22
O3B FAD C . 16.93 4.42 16.65
C2B FAD C . 18.51 5.29 15.04
O2B FAD C . 17.36 5.27 14.20
C1B FAD C . 18.54 6.61 15.80
N9A FAD C . 19.09 7.72 14.98
C8A FAD C . 20.35 7.84 14.57
N7A FAD C . 20.49 8.96 13.86
C5A FAD C . 19.31 9.56 13.82
C6A FAD C . 18.83 10.73 13.24
N6A FAD C . 19.63 11.51 12.53
N1A FAD C . 17.53 11.04 13.40
C2A FAD C . 16.71 10.28 14.09
N3A FAD C . 17.13 9.16 14.65
C4A FAD C . 18.41 8.77 14.55
N1 FAD C . 25.78 -3.81 8.89
C2 FAD C . 26.55 -4.07 7.76
O2 FAD C . 27.36 -3.24 7.35
N3 FAD C . 26.44 -5.32 7.13
C4 FAD C . 25.58 -6.29 7.65
O4 FAD C . 25.51 -7.39 7.10
C4X FAD C . 24.84 -6.04 8.80
N5 FAD C . 24.02 -7.03 9.35
C5X FAD C . 23.30 -6.79 10.53
C6 FAD C . 22.61 -7.83 11.15
C7 FAD C . 22.03 -7.65 12.39
C7M FAD C . 21.35 -8.84 13.08
C8 FAD C . 22.11 -6.41 13.02
C8M FAD C . 21.51 -6.17 14.40
C9 FAD C . 22.79 -5.36 12.39
C9A FAD C . 23.38 -5.55 11.15
N10 FAD C . 24.16 -4.54 10.57
C10 FAD C . 24.92 -4.80 9.41
C1' FAD C . 24.27 -3.21 11.23
C2' FAD C . 23.09 -2.29 10.96
O2' FAD C . 23.10 -1.86 9.59
C3' FAD C . 23.18 -1.07 11.89
O3' FAD C . 22.86 -1.51 13.21
C4' FAD C . 22.22 0.06 11.51
O4' FAD C . 22.48 0.48 10.17
C5' FAD C . 22.42 1.26 12.44
O5' FAD C . 22.18 0.87 13.79
P FAD C . 23.21 1.22 14.97
O1P FAD C . 23.37 0.00 15.79
O2P FAD C . 24.44 1.84 14.41
O3P FAD C . 22.41 2.32 15.84
PA FAD D . -24.89 3.07 11.86
O1A FAD D . -25.14 2.07 10.80
O2A FAD D . -25.96 3.31 12.86
O5B FAD D . -23.51 2.70 12.62
C5B FAD D . -23.08 3.54 13.69
C4B FAD D . -21.74 3.06 14.26
O4B FAD D . -21.90 1.66 14.59
C3B FAD D . -20.65 3.12 13.19
O3B FAD D . -19.37 3.33 13.79
C2B FAD D . -20.71 1.73 12.58
O2B FAD D . -19.46 1.39 12.01
C1B FAD D . -20.91 0.92 13.86
N9A FAD D . -21.40 -0.45 13.58
C8A FAD D . -22.59 -0.79 13.10
N7A FAD D . -22.67 -2.11 12.98
C5A FAD D . -21.51 -2.63 13.39
C6A FAD D . -21.00 -3.91 13.51
N6A FAD D . -21.72 -4.96 13.14
N1A FAD D . -19.75 -4.07 13.98
C2A FAD D . -19.00 -3.05 14.34
N3A FAD D . -19.46 -1.81 14.24
C4A FAD D . -20.69 -1.57 13.77
N1 FAD D . -26.74 6.66 1.94
C2 FAD D . -27.33 6.29 0.72
O2 FAD D . -28.09 5.33 0.64
N3 FAD D . -27.06 7.07 -0.41
C4 FAD D . -26.22 8.19 -0.33
O4 FAD D . -26.01 8.88 -1.33
C4X FAD D . -25.67 8.55 0.89
N5 FAD D . -24.88 9.71 1.01
C5X FAD D . -24.35 10.10 2.24
C6 FAD D . -23.70 11.33 2.36
C7 FAD D . -23.29 11.78 3.62
C7M FAD D . -22.64 13.16 3.72
C8 FAD D . -23.52 11.00 4.75
C8M FAD D . -23.12 11.49 6.13
C9 FAD D . -24.15 9.77 4.61
C9A FAD D . -24.58 9.32 3.36
N10 FAD D . -25.33 8.13 3.24
C10 FAD D . -25.92 7.79 2.03
C1' FAD D . -25.58 7.29 4.44
C2' FAD D . -24.47 6.30 4.74
O2' FAD D . -24.39 5.31 3.72
C3' FAD D . -24.73 5.65 6.10
O3' FAD D . -24.56 6.63 7.12
C4' FAD D . -23.80 4.46 6.40
O4' FAD D . -23.91 3.48 5.37
C5' FAD D . -24.17 3.83 7.74
O5' FAD D . -24.05 4.81 8.78
P FAD D . -25.20 5.06 9.88
O1P FAD D . -25.35 6.52 10.00
O2P FAD D . -26.42 4.27 9.54
O3P FAD D . -24.51 4.50 11.21
#